data_8DX3
#
_entry.id   8DX3
#
_cell.length_a   161.984
_cell.length_b   72.994
_cell.length_c   109.357
_cell.angle_alpha   90.000
_cell.angle_beta   100.009
_cell.angle_gamma   90.000
#
_symmetry.space_group_name_H-M   'C 1 2 1'
#
loop_
_entity.id
_entity.type
_entity.pdbx_description
1 polymer 'Reverse transcriptase/ribonuclease H'
2 polymer 'p51 RT'
3 non-polymer 1-(3-bromophenyl)methanamine
4 non-polymer 4-{[4-({4-[(E)-2-cyanoethenyl]-2,6-dimethylphenyl}amino)pyrimidin-2-yl]amino}benzonitrile
5 non-polymer 'DIMETHYL SULFOXIDE'
6 non-polymer 1,2-ETHANEDIOL
7 non-polymer 'MAGNESIUM ION'
8 non-polymer 'SULFATE ION'
9 water water
#
loop_
_entity_poly.entity_id
_entity_poly.type
_entity_poly.pdbx_seq_one_letter_code
_entity_poly.pdbx_strand_id
1 'polypeptide(L)'
;MVPISPIETVPVKLKPGMDGPKVKQWPLTEEKIKALVEICTEMEKEGKISKIGPENPYNTPVFAIKKKDSTKWRKLVDFR
ELNKRTQDFWEVQLGIPHPAGLKKKKSVTVLDVGDAYFSVPLDEDFRKYTAFTIPSINNETPGIRYQYNVLPQGWKGSPA
IFQSSMTKILEPFAAQNPDIVIYQYMDDLYVGSDLEIGQHRTKIEELRQHLLRWGLTTPDKKHQKEPPFLWMGYELHPDK
WTVQPIVLPEKDSWTVNDIQKLVGKLNWASQIYPGIKVRQLSKLLRGTKALTEVIPLTEEAELELAENREILKEPVHGVY
YDPSKDLIAEIQKQGQGQWTYQIYQEPFKNLKTGKYARMRGAHTNDVKQLTEAVQKITTESIVIWGKTPKFKLPIQKETW
ETWWTEYWQATWIPEWEFVNTPPLVKLWYQLEKEPIVGAETFYVDGAANRETKLGKAGYVTNKGRQKVVPLTNTTNQKTE
LQAIYLALQDSGLEVNIVTDSQYALGIIQAQPDKSESELVNQIIEQLIKKEKVYLAWVPAHKGIGGNEQVDKLVSAG
;
A
2 'polypeptide(L)'
;PISPIETVPVKLKPGMDGPKVKQWPLTEEKIKALVEICTEMEKEGKISKIGPENPYNTPVFAIKKKDSTKWRKLVDFREL
NKRTQDFWEVQLGIPHPAGLKKKKSVTVLDVGDAYFSVPLDEDFRKYTAFTIPSINNETPGIRYQYNVLPQGWKGSPAIF
QSSMTKILEPFKKQNPDIVIYQYMDDLYVGSDLEIGQHRTKIEELRQHLLRWGLTTPDKKHQKEPPFLWMGYELHPDKWT
VQPIVLPEKDSWTVNDIQKLVGKLNWASQIYPGIKVRQLSKLLRGTKALTEVIPLTEEAELELAENREILKEPVHGVYYD
PSKDLIAEIQKQGQGQWTYQIYQEPFKNLKTGKYARMRGAHTNDVKQLTEAVQKITTESIVIWGKTPKFKLPIQKETWET
WWTEYWQATWIPEWEFVNTPPLVKLWYQ
;
B
#
loop_
_chem_comp.id
_chem_comp.type
_chem_comp.name
_chem_comp.formula
4JH non-polymer 1-(3-bromophenyl)methanamine 'C7 H8 Br N'
DMS non-polymer 'DIMETHYL SULFOXIDE' 'C2 H6 O S'
EDO non-polymer 1,2-ETHANEDIOL 'C2 H6 O2'
MG non-polymer 'MAGNESIUM ION' 'Mg 2'
SO4 non-polymer 'SULFATE ION' 'O4 S -2'
T27 non-polymer 4-{[4-({4-[(E)-2-cyanoethenyl]-2,6-dimethylphenyl}amino)pyrimidin-2-yl]amino}benzonitrile 'C22 H18 N6'
#
# COMPACT_ATOMS: atom_id res chain seq x y z
N MET A 1 -37.97 3.60 -42.01
CA MET A 1 -37.03 3.09 -41.02
C MET A 1 -37.14 3.81 -39.69
N VAL A 2 -36.71 3.16 -38.62
CA VAL A 2 -36.62 3.77 -37.29
C VAL A 2 -35.22 4.31 -37.11
N PRO A 3 -35.05 5.62 -36.91
CA PRO A 3 -33.71 6.14 -36.63
C PRO A 3 -33.14 5.46 -35.40
N ILE A 4 -31.83 5.27 -35.40
CA ILE A 4 -31.12 4.70 -34.26
C ILE A 4 -30.07 5.69 -33.81
N SER A 5 -29.84 5.75 -32.52
CA SER A 5 -28.86 6.67 -32.01
C SER A 5 -27.47 6.19 -32.42
N PRO A 6 -26.62 7.07 -32.96
CA PRO A 6 -25.25 6.66 -33.25
C PRO A 6 -24.47 6.52 -31.95
N ILE A 7 -23.48 5.62 -31.97
CA ILE A 7 -22.59 5.42 -30.82
C ILE A 7 -21.40 6.37 -30.99
N GLU A 8 -21.23 7.29 -30.03
CA GLU A 8 -20.11 8.22 -30.04
C GLU A 8 -18.78 7.48 -30.17
N THR A 9 -17.94 7.90 -31.11
CA THR A 9 -16.65 7.24 -31.25
C THR A 9 -15.67 7.78 -30.21
N VAL A 10 -14.75 6.91 -29.79
CA VAL A 10 -13.62 7.24 -28.91
C VAL A 10 -12.44 7.69 -29.76
N PRO A 11 -11.85 8.86 -29.48
CA PRO A 11 -10.65 9.27 -30.21
C PRO A 11 -9.46 8.39 -29.84
N VAL A 12 -8.72 7.93 -30.83
CA VAL A 12 -7.62 7.01 -30.61
C VAL A 12 -6.37 7.59 -31.25
N LYS A 13 -5.22 7.43 -30.59
CA LYS A 13 -3.97 7.88 -31.16
C LYS A 13 -2.93 6.76 -31.14
N LEU A 14 -1.91 6.92 -31.96
CA LEU A 14 -0.72 6.11 -31.81
C LEU A 14 0.13 6.66 -30.67
N LYS A 15 1.01 5.80 -30.16
CA LYS A 15 1.96 6.22 -29.14
C LYS A 15 2.78 7.39 -29.67
N PRO A 16 3.22 8.30 -28.78
CA PRO A 16 3.95 9.48 -29.24
C PRO A 16 5.15 9.09 -30.10
N GLY A 17 5.26 9.74 -31.26
CA GLY A 17 6.38 9.54 -32.15
C GLY A 17 6.26 8.39 -33.11
N MET A 18 5.33 7.46 -32.89
CA MET A 18 5.23 6.29 -33.74
C MET A 18 4.31 6.54 -34.93
N ASP A 19 4.57 5.81 -36.01
CA ASP A 19 3.71 5.80 -37.18
C ASP A 19 2.96 4.47 -37.22
N GLY A 20 2.06 4.33 -38.18
CA GLY A 20 1.30 3.12 -38.29
C GLY A 20 2.14 2.00 -38.88
N PRO A 21 1.54 0.81 -38.97
CA PRO A 21 2.28 -0.36 -39.45
C PRO A 21 2.45 -0.38 -40.97
N LYS A 22 3.59 -0.94 -41.41
CA LYS A 22 3.88 -1.15 -42.82
C LYS A 22 4.47 -2.56 -42.97
N VAL A 23 3.62 -3.57 -42.85
CA VAL A 23 4.06 -4.97 -42.76
C VAL A 23 3.69 -5.70 -44.04
N LYS A 24 4.63 -6.48 -44.57
CA LYS A 24 4.46 -7.16 -45.85
C LYS A 24 3.38 -8.23 -45.76
N GLN A 25 2.47 -8.23 -46.73
CA GLN A 25 1.46 -9.28 -46.81
C GLN A 25 2.10 -10.58 -47.27
N TRP A 26 1.88 -11.65 -46.51
CA TRP A 26 2.40 -12.95 -46.85
C TRP A 26 1.75 -13.47 -48.13
N PRO A 27 2.48 -14.23 -48.95
CA PRO A 27 1.87 -14.81 -50.14
C PRO A 27 0.89 -15.93 -49.77
N LEU A 28 -0.22 -15.98 -50.47
CA LEU A 28 -1.28 -16.93 -50.14
C LEU A 28 -1.63 -17.80 -51.32
N THR A 29 -2.14 -18.99 -51.03
CA THR A 29 -2.53 -19.92 -52.09
C THR A 29 -3.80 -19.42 -52.78
N GLU A 30 -3.88 -19.70 -54.08
CA GLU A 30 -5.06 -19.36 -54.88
C GLU A 30 -6.34 -19.78 -54.16
N GLU A 31 -6.27 -20.91 -53.44
CA GLU A 31 -7.37 -21.40 -52.63
C GLU A 31 -7.69 -20.44 -51.48
N LYS A 32 -6.66 -20.02 -50.74
CA LYS A 32 -6.89 -19.08 -49.63
C LYS A 32 -7.40 -17.74 -50.14
N ILE A 33 -6.78 -17.20 -51.21
CA ILE A 33 -7.14 -15.88 -51.75
C ILE A 33 -8.62 -15.83 -52.09
N LYS A 34 -9.14 -16.89 -52.71
CA LYS A 34 -10.55 -16.87 -53.09
C LYS A 34 -11.44 -16.83 -51.86
N ALA A 35 -11.08 -17.57 -50.82
CA ALA A 35 -11.89 -17.56 -49.60
C ALA A 35 -11.98 -16.15 -49.01
N LEU A 36 -10.84 -15.44 -48.95
CA LEU A 36 -10.82 -14.14 -48.30
C LEU A 36 -11.66 -13.12 -49.06
N VAL A 37 -11.66 -13.18 -50.40
CA VAL A 37 -12.39 -12.21 -51.19
C VAL A 37 -13.89 -12.34 -50.95
N GLU A 38 -14.37 -13.57 -50.78
CA GLU A 38 -15.77 -13.77 -50.43
C GLU A 38 -16.08 -13.22 -49.05
N ILE A 39 -15.31 -13.63 -48.03
CA ILE A 39 -15.51 -13.12 -46.67
C ILE A 39 -15.52 -11.60 -46.65
N CYS A 40 -14.57 -10.97 -47.35
CA CYS A 40 -14.44 -9.52 -47.30
C CYS A 40 -15.54 -8.81 -48.07
N THR A 41 -15.99 -9.39 -49.18
CA THR A 41 -17.11 -8.78 -49.89
C THR A 41 -18.33 -8.70 -48.97
N GLU A 42 -18.63 -9.79 -48.24
CA GLU A 42 -19.78 -9.77 -47.34
C GLU A 42 -19.57 -8.78 -46.21
N MET A 43 -18.37 -8.77 -45.60
CA MET A 43 -18.07 -7.77 -44.58
C MET A 43 -18.22 -6.35 -45.12
N GLU A 44 -17.84 -6.13 -46.38
CA GLU A 44 -17.93 -4.78 -46.94
C GLU A 44 -19.39 -4.33 -47.06
N LYS A 45 -20.27 -5.22 -47.50
CA LYS A 45 -21.67 -4.86 -47.58
C LYS A 45 -22.26 -4.61 -46.20
N GLU A 46 -21.82 -5.38 -45.20
CA GLU A 46 -22.28 -5.17 -43.83
C GLU A 46 -21.78 -3.85 -43.23
N GLY A 47 -20.85 -3.15 -43.91
CA GLY A 47 -20.34 -1.88 -43.43
C GLY A 47 -19.08 -1.96 -42.59
N LYS A 48 -18.63 -3.18 -42.21
CA LYS A 48 -17.52 -3.33 -41.30
C LYS A 48 -16.20 -2.80 -41.88
N ILE A 49 -15.99 -2.93 -43.20
CA ILE A 49 -14.75 -2.49 -43.85
C ILE A 49 -15.10 -1.77 -45.14
N SER A 50 -14.10 -1.07 -45.71
CA SER A 50 -14.24 -0.34 -46.95
C SER A 50 -12.99 -0.47 -47.82
N LYS A 51 -13.19 -0.60 -49.14
CA LYS A 51 -12.08 -0.54 -50.10
C LYS A 51 -11.46 0.85 -50.09
N ILE A 52 -10.13 0.90 -50.23
CA ILE A 52 -9.38 2.15 -50.20
C ILE A 52 -8.45 2.19 -51.41
N GLY A 53 -7.99 3.41 -51.72
CA GLY A 53 -7.10 3.63 -52.84
C GLY A 53 -5.65 3.32 -52.51
N PRO A 54 -4.75 3.59 -53.47
CA PRO A 54 -3.33 3.24 -53.30
C PRO A 54 -2.48 4.23 -52.50
N GLU A 55 -3.01 5.41 -52.16
CA GLU A 55 -2.26 6.41 -51.40
C GLU A 55 -1.92 5.93 -49.99
N ASN A 56 -2.88 5.31 -49.28
CA ASN A 56 -2.68 4.83 -47.91
C ASN A 56 -1.41 3.99 -47.83
N PRO A 57 -0.42 4.39 -47.04
CA PRO A 57 0.87 3.69 -47.04
C PRO A 57 1.01 2.57 -46.03
N TYR A 58 -0.06 2.21 -45.31
CA TYR A 58 0.01 1.30 -44.17
C TYR A 58 -0.41 -0.10 -44.59
N ASN A 59 -0.08 -1.08 -43.75
CA ASN A 59 -0.48 -2.45 -44.07
C ASN A 59 -0.27 -3.36 -42.88
N THR A 60 -1.20 -4.32 -42.74
CA THR A 60 -1.22 -5.38 -41.74
C THR A 60 -1.54 -6.70 -42.45
N PRO A 61 -0.84 -7.78 -42.13
CA PRO A 61 -1.02 -9.02 -42.89
C PRO A 61 -2.32 -9.72 -42.53
N VAL A 62 -2.88 -10.42 -43.52
CA VAL A 62 -4.13 -11.16 -43.38
C VAL A 62 -3.88 -12.62 -43.76
N PHE A 63 -4.53 -13.52 -43.04
CA PHE A 63 -4.33 -14.95 -43.23
C PHE A 63 -5.67 -15.64 -43.38
N ALA A 64 -5.62 -16.85 -43.92
CA ALA A 64 -6.79 -17.71 -44.04
C ALA A 64 -6.48 -19.00 -43.29
N ILE A 65 -7.25 -19.26 -42.24
CA ILE A 65 -7.04 -20.40 -41.37
C ILE A 65 -8.20 -21.37 -41.60
N LYS A 66 -7.85 -22.64 -41.81
CA LYS A 66 -8.84 -23.70 -41.97
C LYS A 66 -9.49 -23.99 -40.62
N LYS A 67 -10.74 -23.60 -40.45
CA LYS A 67 -11.48 -24.01 -39.27
C LYS A 67 -11.56 -25.53 -39.25
N LYS A 68 -10.96 -26.14 -38.23
CA LYS A 68 -10.67 -27.57 -38.25
C LYS A 68 -11.93 -28.39 -38.51
N ASP A 69 -11.76 -29.46 -39.29
CA ASP A 69 -12.85 -30.36 -39.68
C ASP A 69 -14.01 -29.59 -40.31
N SER A 70 -13.68 -28.77 -41.29
CA SER A 70 -14.66 -28.06 -42.10
C SER A 70 -13.96 -27.59 -43.37
N THR A 71 -14.73 -27.46 -44.44
CA THR A 71 -14.20 -26.90 -45.68
C THR A 71 -14.19 -25.38 -45.66
N LYS A 72 -14.59 -24.76 -44.56
CA LYS A 72 -14.74 -23.31 -44.48
C LYS A 72 -13.48 -22.67 -43.92
N TRP A 73 -12.92 -21.74 -44.67
CA TRP A 73 -11.82 -20.90 -44.21
C TRP A 73 -12.36 -19.72 -43.41
N ARG A 74 -11.52 -19.18 -42.52
CA ARG A 74 -11.87 -17.95 -41.83
C ARG A 74 -10.68 -17.01 -41.84
N LYS A 75 -10.99 -15.72 -41.84
CA LYS A 75 -10.05 -14.62 -41.97
C LYS A 75 -9.41 -14.26 -40.64
N LEU A 76 -8.09 -14.07 -40.64
CA LEU A 76 -7.34 -13.60 -39.47
C LEU A 76 -6.49 -12.41 -39.90
N VAL A 77 -6.83 -11.23 -39.43
CA VAL A 77 -5.96 -10.06 -39.61
C VAL A 77 -5.02 -10.01 -38.41
N ASP A 78 -3.72 -10.03 -38.68
CA ASP A 78 -2.71 -10.13 -37.61
C ASP A 78 -2.29 -8.73 -37.19
N PHE A 79 -2.91 -8.21 -36.13
CA PHE A 79 -2.69 -6.83 -35.70
C PHE A 79 -1.54 -6.67 -34.72
N ARG A 80 -0.66 -7.66 -34.60
CA ARG A 80 0.37 -7.58 -33.57
C ARG A 80 1.22 -6.33 -33.71
N GLU A 81 1.50 -5.91 -34.95
CA GLU A 81 2.36 -4.74 -35.11
C GLU A 81 1.61 -3.45 -34.78
N LEU A 82 0.37 -3.31 -35.27
CA LEU A 82 -0.41 -2.13 -34.92
C LEU A 82 -0.63 -2.03 -33.41
N ASN A 83 -0.82 -3.17 -32.75
CA ASN A 83 -1.03 -3.16 -31.30
C ASN A 83 0.19 -2.60 -30.57
N LYS A 84 1.39 -2.92 -31.05
CA LYS A 84 2.59 -2.33 -30.47
C LYS A 84 2.66 -0.83 -30.64
N ARG A 85 1.98 -0.27 -31.65
CA ARG A 85 2.07 1.17 -31.91
C ARG A 85 0.87 1.94 -31.38
N THR A 86 -0.17 1.26 -30.93
CA THR A 86 -1.37 1.92 -30.43
C THR A 86 -1.15 2.37 -28.98
N GLN A 87 -1.75 3.51 -28.63
CA GLN A 87 -1.73 4.02 -27.25
C GLN A 87 -2.23 3.00 -26.22
N ASP A 88 -1.89 3.24 -24.95
CA ASP A 88 -2.50 2.52 -23.85
C ASP A 88 -3.90 3.02 -23.60
N PHE A 89 -4.77 2.13 -23.12
CA PHE A 89 -6.15 2.43 -22.75
C PHE A 89 -6.37 2.14 -21.27
N TRP A 90 -7.49 2.64 -20.75
CA TRP A 90 -7.99 2.20 -19.46
C TRP A 90 -8.68 0.84 -19.61
N GLU A 91 -8.19 -0.18 -18.91
CA GLU A 91 -8.84 -1.47 -18.93
C GLU A 91 -9.59 -1.69 -17.62
N VAL A 92 -10.88 -2.01 -17.73
CA VAL A 92 -11.75 -2.07 -16.55
C VAL A 92 -11.79 -3.47 -15.93
N GLN A 93 -11.56 -4.50 -16.73
CA GLN A 93 -11.73 -5.87 -16.27
CA GLN A 93 -11.68 -5.90 -16.34
C GLN A 93 -10.56 -6.38 -15.43
N LEU A 94 -9.63 -5.50 -15.03
CA LEU A 94 -8.48 -5.95 -14.24
C LEU A 94 -8.91 -6.66 -12.96
N GLY A 95 -9.91 -6.12 -12.26
CA GLY A 95 -10.46 -6.81 -11.11
C GLY A 95 -11.74 -7.54 -11.46
N ILE A 96 -11.73 -8.87 -11.38
CA ILE A 96 -12.95 -9.62 -11.64
C ILE A 96 -13.68 -9.78 -10.30
N PRO A 97 -15.00 -9.71 -10.29
CA PRO A 97 -15.74 -9.92 -9.03
C PRO A 97 -15.40 -11.27 -8.42
N HIS A 98 -15.36 -11.31 -7.11
CA HIS A 98 -15.25 -12.63 -6.49
C HIS A 98 -16.64 -13.15 -6.17
N PRO A 99 -16.95 -14.43 -6.48
CA PRO A 99 -18.30 -14.94 -6.22
C PRO A 99 -18.81 -14.69 -4.81
N ALA A 100 -17.92 -14.72 -3.81
CA ALA A 100 -18.34 -14.55 -2.42
C ALA A 100 -18.82 -13.13 -2.11
N GLY A 101 -18.55 -12.16 -3.00
CA GLY A 101 -19.12 -10.83 -2.87
C GLY A 101 -20.43 -10.62 -3.61
N LEU A 102 -20.79 -11.53 -4.51
CA LEU A 102 -22.08 -11.48 -5.20
C LEU A 102 -23.24 -11.66 -4.23
N LYS A 103 -24.43 -11.26 -4.67
CA LYS A 103 -25.67 -11.43 -3.93
C LYS A 103 -26.54 -12.52 -4.56
N LYS A 104 -27.23 -13.26 -3.70
CA LYS A 104 -28.28 -14.21 -4.11
C LYS A 104 -29.19 -13.59 -5.17
N LYS A 105 -29.55 -14.38 -6.21
CA LYS A 105 -30.51 -13.97 -7.23
C LYS A 105 -31.52 -15.08 -7.54
N LYS A 106 -32.81 -14.72 -7.62
CA LYS A 106 -33.82 -15.68 -8.08
C LYS A 106 -33.65 -16.02 -9.55
N SER A 107 -33.39 -15.03 -10.40
CA SER A 107 -33.30 -15.23 -11.84
C SER A 107 -32.07 -14.55 -12.40
N VAL A 108 -31.43 -15.21 -13.37
CA VAL A 108 -30.36 -14.60 -14.15
C VAL A 108 -30.57 -15.01 -15.60
N THR A 109 -30.80 -14.02 -16.47
CA THR A 109 -31.03 -14.22 -17.89
C THR A 109 -29.80 -13.77 -18.66
N VAL A 110 -29.52 -14.45 -19.76
CA VAL A 110 -28.37 -14.10 -20.60
C VAL A 110 -28.90 -13.61 -21.94
N LEU A 111 -28.36 -12.48 -22.40
CA LEU A 111 -28.71 -11.91 -23.71
C LEU A 111 -27.48 -11.88 -24.59
N ASP A 112 -27.61 -12.31 -25.84
CA ASP A 112 -26.50 -12.28 -26.78
C ASP A 112 -26.39 -10.90 -27.43
N VAL A 113 -25.20 -10.32 -27.35
CA VAL A 113 -24.95 -9.00 -27.91
C VAL A 113 -23.76 -9.09 -28.86
N GLY A 114 -23.62 -10.23 -29.54
CA GLY A 114 -22.50 -10.41 -30.45
C GLY A 114 -22.56 -9.52 -31.67
N ASP A 115 -23.76 -9.26 -32.19
CA ASP A 115 -23.88 -8.37 -33.33
C ASP A 115 -23.62 -6.93 -32.92
N ALA A 116 -23.97 -6.58 -31.68
CA ALA A 116 -23.66 -5.26 -31.13
C ALA A 116 -22.22 -4.87 -31.35
N TYR A 117 -21.30 -5.83 -31.32
CA TYR A 117 -19.88 -5.54 -31.16
C TYR A 117 -19.32 -4.70 -32.33
N PHE A 118 -19.79 -4.95 -33.56
CA PHE A 118 -19.40 -4.17 -34.73
C PHE A 118 -20.36 -3.05 -35.08
N SER A 119 -21.45 -2.87 -34.34
CA SER A 119 -22.11 -1.57 -34.40
C SER A 119 -21.22 -0.46 -33.87
N VAL A 120 -20.09 -0.80 -33.24
CA VAL A 120 -19.23 0.20 -32.59
C VAL A 120 -18.26 0.73 -33.64
N PRO A 121 -18.42 1.98 -34.07
CA PRO A 121 -17.54 2.52 -35.10
C PRO A 121 -16.16 2.78 -34.54
N LEU A 122 -15.19 2.77 -35.45
CA LEU A 122 -13.81 3.11 -35.15
C LEU A 122 -13.58 4.57 -35.50
N ASP A 123 -12.88 5.30 -34.62
CA ASP A 123 -12.49 6.69 -34.86
C ASP A 123 -11.99 6.89 -36.28
N GLU A 124 -12.57 7.88 -36.97
CA GLU A 124 -12.32 8.01 -38.40
C GLU A 124 -10.86 8.29 -38.71
N ASP A 125 -10.19 9.09 -37.87
CA ASP A 125 -8.79 9.42 -38.11
C ASP A 125 -7.85 8.23 -37.90
N PHE A 126 -8.32 7.18 -37.22
CA PHE A 126 -7.48 6.02 -36.95
C PHE A 126 -7.63 4.93 -38.00
N ARG A 127 -8.73 4.91 -38.75
CA ARG A 127 -9.01 3.79 -39.65
C ARG A 127 -7.89 3.53 -40.64
N LYS A 128 -7.21 4.60 -41.12
CA LYS A 128 -6.15 4.41 -42.10
C LYS A 128 -5.09 3.43 -41.61
N TYR A 129 -4.89 3.35 -40.29
CA TYR A 129 -3.86 2.49 -39.76
C TYR A 129 -4.23 1.01 -39.79
N THR A 130 -5.49 0.68 -40.04
CA THR A 130 -5.96 -0.70 -40.07
C THR A 130 -5.94 -1.31 -41.46
N ALA A 131 -5.27 -0.68 -42.43
CA ALA A 131 -5.29 -1.15 -43.82
C ALA A 131 -4.75 -2.56 -43.96
N PHE A 132 -5.36 -3.34 -44.87
CA PHE A 132 -4.84 -4.66 -45.20
C PHE A 132 -5.11 -4.98 -46.67
N THR A 133 -4.38 -5.98 -47.18
CA THR A 133 -4.35 -6.29 -48.61
C THR A 133 -4.66 -7.77 -48.82
N ILE A 134 -5.67 -8.06 -49.62
CA ILE A 134 -5.82 -9.41 -50.17
C ILE A 134 -4.93 -9.49 -51.40
N PRO A 135 -3.96 -10.41 -51.46
CA PRO A 135 -3.15 -10.54 -52.68
C PRO A 135 -4.03 -10.91 -53.86
N SER A 136 -3.60 -10.54 -55.06
CA SER A 136 -4.39 -10.92 -56.22
C SER A 136 -3.94 -12.28 -56.77
N ILE A 137 -4.82 -12.92 -57.55
CA ILE A 137 -4.48 -14.19 -58.17
C ILE A 137 -3.27 -14.03 -59.09
N ASN A 138 -2.23 -14.84 -58.87
CA ASN A 138 -1.03 -14.87 -59.69
C ASN A 138 -0.24 -13.57 -59.65
N ASN A 139 -0.56 -12.64 -58.73
CA ASN A 139 0.15 -11.36 -58.62
C ASN A 139 0.07 -10.55 -59.92
N GLU A 140 -0.99 -10.69 -60.71
CA GLU A 140 -1.05 -9.99 -61.99
C GLU A 140 -1.90 -8.73 -61.95
N THR A 141 -2.50 -8.40 -60.80
CA THR A 141 -3.22 -7.15 -60.63
C THR A 141 -2.86 -6.60 -59.25
N PRO A 142 -3.17 -5.35 -58.94
CA PRO A 142 -2.96 -4.86 -57.57
C PRO A 142 -3.85 -5.63 -56.59
N GLY A 143 -3.35 -5.83 -55.38
CA GLY A 143 -4.16 -6.43 -54.36
C GLY A 143 -5.38 -5.58 -54.03
N ILE A 144 -6.40 -6.23 -53.51
CA ILE A 144 -7.57 -5.50 -53.03
C ILE A 144 -7.26 -4.92 -51.66
N ARG A 145 -7.40 -3.61 -51.53
CA ARG A 145 -7.04 -2.89 -50.32
C ARG A 145 -8.29 -2.49 -49.55
N TYR A 146 -8.28 -2.78 -48.24
CA TYR A 146 -9.39 -2.45 -47.35
C TYR A 146 -8.86 -1.80 -46.07
N GLN A 147 -9.74 -1.09 -45.39
CA GLN A 147 -9.52 -0.67 -44.01
C GLN A 147 -10.79 -0.91 -43.22
N TYR A 148 -10.67 -0.89 -41.89
CA TYR A 148 -11.80 -1.11 -41.01
C TYR A 148 -12.57 0.18 -40.72
N ASN A 149 -13.89 0.05 -40.58
CA ASN A 149 -14.74 1.11 -40.07
C ASN A 149 -15.25 0.82 -38.66
N VAL A 150 -15.00 -0.38 -38.15
CA VAL A 150 -15.45 -0.77 -36.83
C VAL A 150 -14.28 -1.40 -36.09
N LEU A 151 -14.46 -1.58 -34.79
CA LEU A 151 -13.39 -2.15 -33.97
C LEU A 151 -13.03 -3.53 -34.46
N PRO A 152 -11.78 -3.78 -34.82
CA PRO A 152 -11.43 -5.11 -35.33
C PRO A 152 -11.13 -6.07 -34.19
N GLN A 153 -11.54 -7.32 -34.38
CA GLN A 153 -11.13 -8.37 -33.46
C GLN A 153 -9.63 -8.51 -33.50
N GLY A 154 -9.01 -8.51 -32.33
CA GLY A 154 -7.58 -8.59 -32.24
C GLY A 154 -6.87 -7.25 -32.11
N TRP A 155 -7.56 -6.12 -32.29
CA TRP A 155 -6.89 -4.84 -32.09
C TRP A 155 -6.87 -4.47 -30.62
N LYS A 156 -5.77 -3.85 -30.20
CA LYS A 156 -5.53 -3.60 -28.79
C LYS A 156 -6.68 -2.87 -28.11
N GLY A 157 -7.30 -1.92 -28.80
CA GLY A 157 -8.33 -1.11 -28.19
C GLY A 157 -9.74 -1.67 -28.19
N SER A 158 -10.01 -2.73 -28.94
CA SER A 158 -11.40 -3.20 -29.06
C SER A 158 -12.04 -3.59 -27.73
N PRO A 159 -11.40 -4.38 -26.84
CA PRO A 159 -12.08 -4.72 -25.58
C PRO A 159 -12.49 -3.50 -24.77
N ALA A 160 -11.55 -2.59 -24.48
CA ALA A 160 -11.89 -1.45 -23.63
C ALA A 160 -12.95 -0.56 -24.27
N ILE A 161 -12.84 -0.31 -25.57
CA ILE A 161 -13.77 0.58 -26.23
C ILE A 161 -15.15 -0.06 -26.32
N PHE A 162 -15.20 -1.36 -26.65
CA PHE A 162 -16.48 -2.06 -26.65
C PHE A 162 -17.14 -1.99 -25.26
N GLN A 163 -16.39 -2.33 -24.22
CA GLN A 163 -16.94 -2.35 -22.87
C GLN A 163 -17.46 -0.97 -22.45
N SER A 164 -16.68 0.08 -22.74
CA SER A 164 -17.08 1.42 -22.33
C SER A 164 -18.24 1.93 -23.16
N SER A 165 -18.33 1.53 -24.43
CA SER A 165 -19.50 1.89 -25.23
C SER A 165 -20.76 1.22 -24.71
N MET A 166 -20.69 -0.09 -24.44
CA MET A 166 -21.83 -0.81 -23.88
C MET A 166 -22.22 -0.26 -22.50
N THR A 167 -21.23 0.00 -21.64
CA THR A 167 -21.55 0.56 -20.31
C THR A 167 -22.33 1.87 -20.43
N LYS A 168 -21.90 2.75 -21.33
CA LYS A 168 -22.59 4.03 -21.48
C LYS A 168 -24.04 3.84 -21.95
N ILE A 169 -24.26 2.90 -22.87
CA ILE A 169 -25.61 2.59 -23.33
C ILE A 169 -26.46 2.06 -22.18
N LEU A 170 -25.89 1.21 -21.35
CA LEU A 170 -26.67 0.55 -20.32
C LEU A 170 -26.91 1.40 -19.08
N GLU A 171 -26.12 2.46 -18.89
CA GLU A 171 -26.17 3.21 -17.63
C GLU A 171 -27.57 3.73 -17.29
N PRO A 172 -28.31 4.40 -18.20
CA PRO A 172 -29.64 4.87 -17.81
C PRO A 172 -30.59 3.73 -17.45
N PHE A 173 -30.50 2.59 -18.13
CA PHE A 173 -31.38 1.48 -17.79
C PHE A 173 -31.08 0.98 -16.38
N ALA A 174 -29.80 0.84 -16.04
CA ALA A 174 -29.43 0.37 -14.71
C ALA A 174 -29.82 1.37 -13.63
N ALA A 175 -29.54 2.65 -13.87
CA ALA A 175 -29.88 3.71 -12.91
C ALA A 175 -31.39 3.76 -12.64
N GLN A 176 -32.21 3.58 -13.68
CA GLN A 176 -33.65 3.65 -13.51
C GLN A 176 -34.28 2.29 -13.21
N ASN A 177 -33.48 1.24 -13.02
CA ASN A 177 -34.00 -0.06 -12.57
C ASN A 177 -33.05 -0.61 -11.52
N PRO A 178 -33.02 0.02 -10.34
CA PRO A 178 -32.08 -0.45 -9.30
C PRO A 178 -32.37 -1.85 -8.78
N ASP A 179 -33.49 -2.46 -9.15
CA ASP A 179 -33.79 -3.80 -8.68
C ASP A 179 -33.20 -4.89 -9.57
N ILE A 180 -32.33 -4.53 -10.52
CA ILE A 180 -31.67 -5.55 -11.32
C ILE A 180 -30.18 -5.25 -11.34
N VAL A 181 -29.40 -6.28 -11.68
CA VAL A 181 -27.97 -6.12 -11.90
C VAL A 181 -27.65 -6.55 -13.31
N ILE A 182 -26.69 -5.88 -13.93
CA ILE A 182 -26.30 -6.19 -15.28
C ILE A 182 -24.81 -6.34 -15.30
N TYR A 183 -24.33 -7.39 -15.93
CA TYR A 183 -22.91 -7.66 -16.00
C TYR A 183 -22.59 -8.11 -17.41
N GLN A 184 -21.59 -7.51 -18.03
CA GLN A 184 -21.17 -7.89 -19.38
C GLN A 184 -19.88 -8.69 -19.36
N TYR A 185 -19.88 -9.82 -20.06
CA TYR A 185 -18.72 -10.71 -20.16
C TYR A 185 -18.69 -11.24 -21.57
N MET A 186 -17.62 -10.93 -22.30
CA MET A 186 -17.45 -11.37 -23.70
C MET A 186 -18.63 -10.80 -24.51
N ASP A 187 -19.38 -11.63 -25.24
CA ASP A 187 -20.45 -11.19 -26.12
C ASP A 187 -21.83 -11.38 -25.48
N ASP A 188 -21.91 -11.33 -24.15
CA ASP A 188 -23.17 -11.58 -23.47
C ASP A 188 -23.39 -10.57 -22.36
N LEU A 189 -24.67 -10.30 -22.10
CA LEU A 189 -25.13 -9.54 -20.96
C LEU A 189 -25.84 -10.50 -20.03
N TYR A 190 -25.48 -10.44 -18.75
CA TYR A 190 -26.13 -11.22 -17.71
C TYR A 190 -26.97 -10.27 -16.86
N VAL A 191 -28.23 -10.59 -16.70
CA VAL A 191 -29.18 -9.71 -16.02
C VAL A 191 -29.82 -10.49 -14.90
N GLY A 192 -29.60 -10.07 -13.66
CA GLY A 192 -30.08 -10.80 -12.51
C GLY A 192 -31.08 -9.95 -11.74
N SER A 193 -31.99 -10.63 -11.05
CA SER A 193 -32.91 -9.94 -10.16
C SER A 193 -33.46 -10.91 -9.13
N ASP A 194 -34.14 -10.35 -8.13
CA ASP A 194 -34.99 -11.11 -7.22
C ASP A 194 -36.46 -10.95 -7.55
N LEU A 195 -36.77 -10.50 -8.75
CA LEU A 195 -38.16 -10.24 -9.04
C LEU A 195 -38.91 -11.55 -9.30
N GLU A 196 -40.23 -11.48 -9.13
CA GLU A 196 -41.06 -12.59 -9.57
C GLU A 196 -40.83 -12.83 -11.04
N ILE A 197 -40.97 -14.09 -11.43
CA ILE A 197 -40.53 -14.54 -12.74
C ILE A 197 -41.13 -13.67 -13.85
N GLY A 198 -42.35 -13.19 -13.67
CA GLY A 198 -43.02 -12.41 -14.71
C GLY A 198 -42.52 -10.98 -14.80
N GLN A 199 -42.33 -10.35 -13.63
CA GLN A 199 -41.66 -9.06 -13.59
C GLN A 199 -40.26 -9.15 -14.19
N HIS A 200 -39.53 -10.22 -13.89
CA HIS A 200 -38.16 -10.34 -14.36
C HIS A 200 -38.11 -10.42 -15.89
N ARG A 201 -38.98 -11.21 -16.50
CA ARG A 201 -39.02 -11.25 -17.96
C ARG A 201 -39.54 -9.95 -18.53
N THR A 202 -40.36 -9.23 -17.78
CA THR A 202 -40.78 -7.92 -18.25
C THR A 202 -39.59 -6.96 -18.27
N LYS A 203 -38.81 -6.91 -17.18
CA LYS A 203 -37.59 -6.10 -17.21
C LYS A 203 -36.71 -6.50 -18.38
N ILE A 204 -36.60 -7.81 -18.67
CA ILE A 204 -35.79 -8.25 -19.81
C ILE A 204 -36.30 -7.62 -21.10
N GLU A 205 -37.61 -7.73 -21.36
CA GLU A 205 -38.14 -7.19 -22.59
C GLU A 205 -37.95 -5.69 -22.67
N GLU A 206 -38.07 -5.00 -21.53
CA GLU A 206 -37.76 -3.57 -21.51
C GLU A 206 -36.29 -3.31 -21.83
N LEU A 207 -35.38 -4.20 -21.39
CA LEU A 207 -33.97 -4.01 -21.73
C LEU A 207 -33.74 -4.25 -23.21
N ARG A 208 -34.42 -5.25 -23.78
CA ARG A 208 -34.35 -5.48 -25.21
C ARG A 208 -34.81 -4.25 -26.00
N GLN A 209 -35.90 -3.62 -25.55
CA GLN A 209 -36.39 -2.43 -26.25
C GLN A 209 -35.44 -1.25 -26.07
N HIS A 210 -34.89 -1.08 -24.87
CA HIS A 210 -33.90 -0.03 -24.67
C HIS A 210 -32.72 -0.22 -25.60
N LEU A 211 -32.25 -1.46 -25.76
CA LEU A 211 -31.10 -1.72 -26.63
C LEU A 211 -31.43 -1.45 -28.09
N LEU A 212 -32.68 -1.65 -28.49
CA LEU A 212 -33.07 -1.35 -29.87
C LEU A 212 -32.83 0.11 -30.22
N ARG A 213 -32.93 1.04 -29.26
CA ARG A 213 -32.65 2.45 -29.53
CA ARG A 213 -32.66 2.44 -29.53
C ARG A 213 -31.33 2.63 -30.24
N TRP A 214 -30.37 1.73 -30.00
CA TRP A 214 -29.08 1.83 -30.68
C TRP A 214 -28.96 0.84 -31.81
N GLY A 215 -30.06 0.18 -32.17
CA GLY A 215 -30.06 -0.72 -33.30
C GLY A 215 -29.49 -2.06 -32.96
N LEU A 216 -29.38 -2.37 -31.67
CA LEU A 216 -28.76 -3.62 -31.27
C LEU A 216 -29.85 -4.66 -31.11
N THR A 217 -29.79 -5.69 -31.93
CA THR A 217 -30.77 -6.76 -31.89
C THR A 217 -30.26 -7.89 -31.01
N THR A 218 -31.20 -8.53 -30.29
CA THR A 218 -30.87 -9.63 -29.40
C THR A 218 -31.64 -10.86 -29.84
N PRO A 219 -30.99 -12.02 -29.90
CA PRO A 219 -31.70 -13.24 -30.36
C PRO A 219 -32.91 -13.56 -29.50
N ASP A 220 -34.03 -13.81 -30.20
CA ASP A 220 -35.28 -14.19 -29.52
C ASP A 220 -35.17 -15.56 -28.88
N LYS A 221 -34.71 -16.55 -29.64
CA LYS A 221 -34.49 -17.89 -29.12
C LYS A 221 -33.49 -17.81 -27.98
N LYS A 222 -34.01 -17.77 -26.74
CA LYS A 222 -33.22 -17.40 -25.58
C LYS A 222 -31.98 -18.27 -25.45
N HIS A 223 -30.99 -17.74 -24.73
CA HIS A 223 -29.63 -18.29 -24.76
C HIS A 223 -29.61 -19.74 -24.28
N GLN A 224 -28.69 -20.52 -24.85
CA GLN A 224 -28.46 -21.87 -24.38
C GLN A 224 -27.85 -21.88 -22.99
N LYS A 225 -27.00 -20.90 -22.69
CA LYS A 225 -26.40 -20.83 -21.37
C LYS A 225 -27.45 -20.39 -20.34
N GLU A 226 -27.47 -21.09 -19.22
CA GLU A 226 -28.47 -20.94 -18.18
C GLU A 226 -27.81 -21.38 -16.89
N PRO A 227 -28.27 -20.89 -15.74
CA PRO A 227 -27.71 -21.36 -14.47
C PRO A 227 -27.73 -22.87 -14.40
N PRO A 228 -26.65 -23.51 -13.93
CA PRO A 228 -25.42 -22.84 -13.47
C PRO A 228 -24.54 -22.27 -14.58
N PHE A 229 -23.68 -21.32 -14.25
CA PHE A 229 -22.69 -20.83 -15.19
C PHE A 229 -21.31 -21.36 -14.82
N LEU A 230 -20.59 -21.85 -15.81
CA LEU A 230 -19.14 -21.99 -15.71
C LEU A 230 -18.51 -20.63 -16.05
N TRP A 231 -17.84 -20.02 -15.08
CA TRP A 231 -17.34 -18.66 -15.27
C TRP A 231 -16.02 -18.50 -14.54
N MET A 232 -14.95 -18.22 -15.28
CA MET A 232 -13.68 -17.83 -14.70
C MET A 232 -13.16 -18.86 -13.69
N GLY A 233 -13.43 -20.13 -13.95
CA GLY A 233 -13.00 -21.18 -13.04
C GLY A 233 -13.94 -21.47 -11.90
N TYR A 234 -15.09 -20.80 -11.84
CA TYR A 234 -16.10 -21.04 -10.83
C TYR A 234 -17.32 -21.68 -11.46
N GLU A 235 -18.24 -22.09 -10.59
CA GLU A 235 -19.57 -22.54 -10.99
C GLU A 235 -20.51 -21.63 -10.20
N LEU A 236 -21.24 -20.75 -10.87
CA LEU A 236 -22.22 -19.89 -10.22
C LEU A 236 -23.59 -20.53 -10.31
N HIS A 237 -24.27 -20.68 -9.17
CA HIS A 237 -25.67 -21.09 -9.12
C HIS A 237 -26.49 -19.94 -8.53
N PRO A 238 -27.83 -20.00 -8.61
CA PRO A 238 -28.64 -18.89 -8.09
C PRO A 238 -28.34 -18.49 -6.65
N ASP A 239 -28.01 -19.46 -5.81
CA ASP A 239 -27.87 -19.16 -4.36
C ASP A 239 -26.61 -19.77 -3.75
N LYS A 240 -25.75 -20.36 -4.57
CA LYS A 240 -24.53 -20.97 -4.07
C LYS A 240 -23.50 -20.83 -5.18
N TRP A 241 -22.22 -21.01 -4.82
CA TRP A 241 -21.13 -20.99 -5.80
C TRP A 241 -20.11 -22.02 -5.35
N THR A 242 -19.27 -22.45 -6.28
CA THR A 242 -18.09 -23.22 -5.90
C THR A 242 -17.05 -23.05 -6.98
N VAL A 243 -15.86 -23.62 -6.75
CA VAL A 243 -14.85 -23.72 -7.81
C VAL A 243 -15.17 -24.90 -8.70
N GLN A 244 -14.75 -24.82 -9.97
CA GLN A 244 -14.88 -25.95 -10.88
C GLN A 244 -14.05 -27.13 -10.35
N PRO A 245 -14.39 -28.35 -10.75
CA PRO A 245 -13.87 -29.54 -10.03
C PRO A 245 -12.34 -29.58 -9.94
N ILE A 246 -11.85 -29.91 -8.76
CA ILE A 246 -10.42 -29.97 -8.49
C ILE A 246 -10.05 -31.46 -8.45
N VAL A 247 -9.30 -31.91 -9.45
CA VAL A 247 -8.86 -33.31 -9.53
C VAL A 247 -7.34 -33.34 -9.48
N LEU A 248 -6.80 -34.01 -8.46
CA LEU A 248 -5.36 -34.17 -8.33
C LEU A 248 -4.93 -35.51 -8.92
N PRO A 249 -4.05 -35.52 -9.92
CA PRO A 249 -3.71 -36.78 -10.58
C PRO A 249 -2.91 -37.69 -9.68
N GLU A 250 -3.03 -39.00 -9.94
CA GLU A 250 -2.11 -39.99 -9.38
C GLU A 250 -0.87 -40.04 -10.26
N LYS A 251 0.31 -39.94 -9.66
CA LYS A 251 1.54 -39.94 -10.42
C LYS A 251 2.61 -40.67 -9.62
N ASP A 252 3.39 -41.51 -10.31
CA ASP A 252 4.49 -42.22 -9.67
C ASP A 252 5.71 -41.34 -9.49
N SER A 253 5.88 -40.35 -10.36
CA SER A 253 7.02 -39.44 -10.30
C SER A 253 6.58 -38.08 -10.84
N TRP A 254 7.10 -37.02 -10.22
CA TRP A 254 6.63 -35.66 -10.45
C TRP A 254 7.73 -34.78 -11.03
N THR A 255 7.37 -34.02 -12.06
CA THR A 255 8.28 -33.06 -12.67
C THR A 255 8.01 -31.66 -12.15
N VAL A 256 9.00 -30.79 -12.31
CA VAL A 256 8.92 -29.37 -11.94
C VAL A 256 7.61 -28.80 -12.45
N ASN A 257 7.32 -29.04 -13.72
CA ASN A 257 6.15 -28.42 -14.33
C ASN A 257 4.86 -29.05 -13.82
N ASP A 258 4.87 -30.35 -13.50
CA ASP A 258 3.74 -30.96 -12.82
C ASP A 258 3.49 -30.29 -11.47
N ILE A 259 4.55 -30.09 -10.69
CA ILE A 259 4.37 -29.53 -9.35
C ILE A 259 3.83 -28.12 -9.44
N GLN A 260 4.23 -27.38 -10.47
CA GLN A 260 3.75 -26.01 -10.61
C GLN A 260 2.25 -25.96 -10.78
N LYS A 261 1.68 -26.87 -11.56
CA LYS A 261 0.24 -26.83 -11.76
C LYS A 261 -0.55 -27.52 -10.64
N LEU A 262 0.07 -28.46 -9.91
CA LEU A 262 -0.50 -28.92 -8.65
C LEU A 262 -0.67 -27.77 -7.65
N VAL A 263 0.41 -27.02 -7.43
CA VAL A 263 0.34 -25.86 -6.50
C VAL A 263 -0.72 -24.92 -7.08
N GLY A 264 -0.75 -24.81 -8.41
CA GLY A 264 -1.80 -23.99 -9.06
C GLY A 264 -3.18 -24.46 -8.65
N LYS A 265 -3.47 -25.75 -8.79
CA LYS A 265 -4.85 -26.22 -8.47
C LYS A 265 -5.12 -25.99 -6.98
N LEU A 266 -4.19 -26.20 -6.17
CA LEU A 266 -4.42 -26.14 -4.72
C LEU A 266 -4.70 -24.70 -4.28
N ASN A 267 -3.99 -23.72 -4.86
CA ASN A 267 -4.29 -22.33 -4.53
C ASN A 267 -5.70 -21.98 -4.94
N TRP A 268 -6.11 -22.41 -6.14
CA TRP A 268 -7.47 -22.18 -6.59
C TRP A 268 -8.48 -22.83 -5.64
N ALA A 269 -8.21 -24.08 -5.24
CA ALA A 269 -9.11 -24.80 -4.33
C ALA A 269 -9.22 -24.12 -2.97
N SER A 270 -8.13 -23.45 -2.52
CA SER A 270 -8.08 -22.92 -1.16
C SER A 270 -9.08 -21.80 -0.92
N GLN A 271 -9.72 -21.28 -1.96
CA GLN A 271 -10.69 -20.22 -1.68
C GLN A 271 -12.05 -20.76 -1.24
N ILE A 272 -12.24 -22.08 -1.22
CA ILE A 272 -13.49 -22.58 -0.64
C ILE A 272 -13.26 -23.87 0.17
N TYR A 273 -12.19 -24.61 -0.13
CA TYR A 273 -11.87 -25.80 0.66
C TYR A 273 -11.02 -25.40 1.87
N PRO A 274 -11.52 -25.56 3.10
CA PRO A 274 -10.75 -25.11 4.27
C PRO A 274 -9.50 -25.96 4.49
N GLY A 275 -8.43 -25.31 4.94
CA GLY A 275 -7.22 -26.00 5.38
C GLY A 275 -6.23 -26.45 4.32
N ILE A 276 -6.46 -26.17 3.03
CA ILE A 276 -5.48 -26.53 2.01
C ILE A 276 -4.10 -26.01 2.44
N LYS A 277 -3.05 -26.83 2.23
CA LYS A 277 -1.67 -26.47 2.56
C LYS A 277 -0.75 -26.68 1.35
N VAL A 278 0.20 -25.76 1.15
CA VAL A 278 1.09 -25.85 -0.02
C VAL A 278 2.58 -25.60 0.30
N ARG A 279 2.93 -25.35 1.58
CA ARG A 279 4.33 -25.02 1.90
C ARG A 279 5.28 -26.10 1.41
N GLN A 280 5.04 -27.36 1.79
CA GLN A 280 6.02 -28.39 1.45
C GLN A 280 6.10 -28.62 -0.05
N LEU A 281 4.98 -28.48 -0.77
CA LEU A 281 5.01 -28.67 -2.22
C LEU A 281 5.64 -27.48 -2.93
N SER A 282 5.48 -26.27 -2.40
CA SER A 282 6.17 -25.11 -2.96
C SER A 282 7.67 -25.18 -2.67
N LYS A 283 8.04 -25.73 -1.51
CA LYS A 283 9.45 -25.98 -1.21
C LYS A 283 10.13 -26.76 -2.32
N LEU A 284 9.41 -27.66 -3.00
CA LEU A 284 10.13 -28.42 -4.01
C LEU A 284 10.50 -27.57 -5.22
N LEU A 285 10.00 -26.35 -5.31
CA LEU A 285 10.33 -25.48 -6.42
C LEU A 285 11.40 -24.46 -6.07
N ARG A 286 11.88 -24.46 -4.83
CA ARG A 286 12.98 -23.59 -4.40
C ARG A 286 14.07 -23.50 -5.44
N GLY A 287 14.32 -22.28 -5.91
CA GLY A 287 15.53 -22.01 -6.65
C GLY A 287 15.48 -22.40 -8.12
N THR A 288 15.24 -23.66 -8.43
CA THR A 288 15.46 -24.14 -9.78
C THR A 288 14.19 -24.12 -10.62
N LYS A 289 14.39 -23.88 -11.92
CA LYS A 289 13.31 -23.73 -12.88
C LYS A 289 13.68 -24.44 -14.18
N ALA A 290 14.16 -25.67 -14.07
CA ALA A 290 14.38 -26.55 -15.22
C ALA A 290 13.13 -27.40 -15.38
N LEU A 291 12.22 -26.96 -16.26
CA LEU A 291 10.81 -27.38 -16.22
C LEU A 291 10.57 -28.88 -16.39
N THR A 292 11.58 -29.66 -16.77
CA THR A 292 11.42 -31.10 -16.92
C THR A 292 12.09 -31.92 -15.83
N GLU A 293 12.86 -31.28 -14.94
CA GLU A 293 13.53 -32.00 -13.87
C GLU A 293 12.50 -32.72 -12.99
N VAL A 294 12.78 -33.99 -12.68
CA VAL A 294 11.98 -34.75 -11.73
C VAL A 294 12.52 -34.49 -10.33
N ILE A 295 11.63 -34.32 -9.36
CA ILE A 295 12.03 -34.07 -7.99
C ILE A 295 11.45 -35.19 -7.12
N PRO A 296 12.27 -35.93 -6.39
CA PRO A 296 11.73 -36.83 -5.36
C PRO A 296 10.95 -36.03 -4.33
N LEU A 297 9.73 -36.46 -4.07
CA LEU A 297 8.94 -35.81 -3.04
C LEU A 297 9.49 -36.21 -1.68
N THR A 298 9.68 -35.22 -0.82
CA THR A 298 10.04 -35.52 0.55
C THR A 298 8.92 -36.30 1.22
N GLU A 299 9.25 -37.03 2.29
CA GLU A 299 8.22 -37.60 3.15
C GLU A 299 7.22 -36.52 3.58
N GLU A 300 7.71 -35.29 3.75
CA GLU A 300 6.87 -34.17 4.18
C GLU A 300 5.93 -33.69 3.09
N ALA A 301 6.39 -33.67 1.84
CA ALA A 301 5.51 -33.26 0.75
C ALA A 301 4.50 -34.35 0.43
N GLU A 302 4.86 -35.63 0.60
CA GLU A 302 3.88 -36.70 0.42
C GLU A 302 2.75 -36.60 1.46
N LEU A 303 3.10 -36.31 2.72
CA LEU A 303 2.07 -36.17 3.75
C LEU A 303 1.12 -35.02 3.40
N GLU A 304 1.67 -33.87 3.03
CA GLU A 304 0.85 -32.69 2.71
C GLU A 304 -0.09 -32.99 1.54
N LEU A 305 0.43 -33.58 0.45
CA LEU A 305 -0.43 -34.02 -0.64
C LEU A 305 -1.54 -34.93 -0.14
N ALA A 306 -1.20 -35.94 0.67
CA ALA A 306 -2.22 -36.85 1.20
C ALA A 306 -3.30 -36.09 1.96
N GLU A 307 -2.91 -35.19 2.87
CA GLU A 307 -3.91 -34.42 3.61
C GLU A 307 -4.73 -33.54 2.67
N ASN A 308 -4.12 -33.02 1.59
CA ASN A 308 -4.90 -32.26 0.62
C ASN A 308 -5.92 -33.15 -0.09
N ARG A 309 -5.49 -34.34 -0.53
CA ARG A 309 -6.43 -35.27 -1.15
C ARG A 309 -7.62 -35.52 -0.24
N GLU A 310 -7.37 -35.67 1.06
CA GLU A 310 -8.46 -35.93 2.00
C GLU A 310 -9.44 -34.77 2.01
N ILE A 311 -8.91 -33.55 2.10
CA ILE A 311 -9.77 -32.37 2.07
C ILE A 311 -10.61 -32.33 0.80
N LEU A 312 -10.00 -32.65 -0.35
CA LEU A 312 -10.69 -32.51 -1.63
C LEU A 312 -11.60 -33.69 -1.95
N LYS A 313 -11.83 -34.59 -1.00
CA LYS A 313 -12.54 -35.84 -1.29
C LYS A 313 -13.96 -35.60 -1.78
N GLU A 314 -14.59 -34.52 -1.35
CA GLU A 314 -16.02 -34.25 -1.52
C GLU A 314 -16.22 -32.79 -1.92
N PRO A 315 -17.26 -32.48 -2.69
CA PRO A 315 -17.55 -31.08 -3.01
C PRO A 315 -17.96 -30.29 -1.77
N VAL A 316 -17.54 -29.03 -1.73
CA VAL A 316 -18.05 -28.04 -0.80
C VAL A 316 -18.64 -26.91 -1.63
N HIS A 317 -19.38 -26.03 -0.99
CA HIS A 317 -19.90 -24.87 -1.69
C HIS A 317 -19.80 -23.64 -0.80
N GLY A 318 -19.77 -22.48 -1.45
CA GLY A 318 -19.82 -21.22 -0.74
C GLY A 318 -21.21 -20.62 -0.87
N VAL A 319 -21.58 -19.77 0.08
CA VAL A 319 -22.80 -19.00 -0.05
C VAL A 319 -22.47 -17.57 -0.49
N TYR A 320 -23.50 -16.81 -0.85
CA TYR A 320 -23.37 -15.43 -1.31
C TYR A 320 -23.51 -14.47 -0.13
N TYR A 321 -23.21 -13.20 -0.40
CA TYR A 321 -23.14 -12.17 0.63
C TYR A 321 -24.54 -11.61 0.93
N ASP A 322 -24.82 -11.44 2.23
CA ASP A 322 -26.03 -10.80 2.73
C ASP A 322 -25.64 -9.47 3.38
N PRO A 323 -25.91 -8.34 2.73
CA PRO A 323 -25.43 -7.04 3.27
C PRO A 323 -26.00 -6.69 4.62
N SER A 324 -27.11 -7.29 5.03
CA SER A 324 -27.73 -6.94 6.30
C SER A 324 -27.05 -7.59 7.49
N LYS A 325 -25.98 -8.35 7.29
CA LYS A 325 -25.36 -9.10 8.38
C LYS A 325 -23.86 -8.81 8.43
N ASP A 326 -23.30 -9.01 9.62
CA ASP A 326 -21.87 -8.78 9.75
C ASP A 326 -21.10 -9.91 9.10
N LEU A 327 -19.84 -9.62 8.78
CA LEU A 327 -18.88 -10.61 8.32
C LEU A 327 -18.04 -11.03 9.51
N ILE A 328 -17.78 -12.33 9.62
CA ILE A 328 -16.88 -12.88 10.63
C ILE A 328 -15.74 -13.58 9.92
N ALA A 329 -14.51 -13.35 10.40
CA ALA A 329 -13.32 -14.03 9.89
C ALA A 329 -12.67 -14.78 11.04
N GLU A 330 -12.46 -16.08 10.85
CA GLU A 330 -11.82 -16.92 11.84
C GLU A 330 -10.52 -17.46 11.25
N ILE A 331 -9.45 -17.46 12.02
CA ILE A 331 -8.12 -17.80 11.54
C ILE A 331 -7.57 -18.93 12.41
N GLN A 332 -6.90 -19.91 11.78
CA GLN A 332 -6.16 -20.94 12.52
C GLN A 332 -4.69 -21.01 12.08
N LYS A 333 -3.81 -21.29 13.04
CA LYS A 333 -2.40 -21.56 12.77
C LYS A 333 -2.23 -23.01 12.30
N GLN A 334 -1.44 -23.24 11.24
CA GLN A 334 -1.26 -24.60 10.74
C GLN A 334 0.14 -25.17 10.86
N GLY A 335 1.15 -24.39 11.20
CA GLY A 335 2.52 -24.89 11.25
C GLY A 335 3.35 -24.36 10.09
N GLN A 336 4.66 -24.23 10.33
CA GLN A 336 5.66 -23.86 9.29
C GLN A 336 5.26 -22.57 8.57
N GLY A 337 4.69 -21.63 9.33
CA GLY A 337 4.37 -20.33 8.80
C GLY A 337 3.08 -20.26 8.00
N GLN A 338 2.28 -21.33 8.01
CA GLN A 338 1.04 -21.43 7.26
C GLN A 338 -0.14 -21.08 8.17
N TRP A 339 -1.08 -20.33 7.61
CA TRP A 339 -2.30 -19.92 8.29
C TRP A 339 -3.48 -20.11 7.34
N THR A 340 -4.61 -20.52 7.90
CA THR A 340 -5.83 -20.71 7.12
C THR A 340 -6.96 -19.91 7.76
N TYR A 341 -7.96 -19.53 6.96
CA TYR A 341 -9.05 -18.74 7.52
C TYR A 341 -10.37 -19.09 6.84
N GLN A 342 -11.47 -18.76 7.53
CA GLN A 342 -12.80 -18.88 6.96
C GLN A 342 -13.56 -17.58 7.20
N ILE A 343 -14.38 -17.17 6.24
CA ILE A 343 -15.21 -15.99 6.39
C ILE A 343 -16.67 -16.38 6.21
N TYR A 344 -17.51 -16.02 7.17
CA TYR A 344 -18.90 -16.46 7.16
C TYR A 344 -19.77 -15.39 7.80
N GLN A 345 -21.09 -15.51 7.62
CA GLN A 345 -22.02 -14.63 8.33
C GLN A 345 -22.91 -15.39 9.29
N GLU A 346 -23.34 -16.60 8.92
CA GLU A 346 -23.97 -17.50 9.87
C GLU A 346 -23.05 -18.70 10.11
N PRO A 347 -23.02 -19.24 11.33
CA PRO A 347 -22.08 -20.33 11.62
C PRO A 347 -22.24 -21.47 10.63
N PHE A 348 -21.11 -22.03 10.21
CA PHE A 348 -21.02 -23.20 9.34
C PHE A 348 -21.44 -22.92 7.90
N LYS A 349 -21.68 -21.68 7.52
CA LYS A 349 -21.90 -21.37 6.11
C LYS A 349 -20.87 -20.36 5.64
N ASN A 350 -19.75 -20.87 5.16
CA ASN A 350 -18.68 -20.01 4.68
C ASN A 350 -19.10 -19.30 3.41
N LEU A 351 -18.80 -18.00 3.37
CA LEU A 351 -18.77 -17.24 2.13
C LEU A 351 -17.53 -17.59 1.31
N LYS A 352 -16.38 -17.72 1.97
CA LYS A 352 -15.17 -18.17 1.30
C LYS A 352 -14.15 -18.57 2.36
N THR A 353 -13.05 -19.16 1.90
CA THR A 353 -11.94 -19.56 2.74
C THR A 353 -10.67 -19.02 2.09
N GLY A 354 -9.53 -19.27 2.74
CA GLY A 354 -8.26 -18.79 2.22
C GLY A 354 -7.12 -19.20 3.13
N LYS A 355 -5.92 -18.86 2.68
CA LYS A 355 -4.72 -19.19 3.42
C LYS A 355 -3.77 -18.01 3.34
N TYR A 356 -2.82 -17.98 4.28
CA TYR A 356 -1.74 -16.99 4.29
C TYR A 356 -0.43 -17.71 4.62
N ALA A 357 0.65 -17.35 3.95
CA ALA A 357 1.94 -18.02 4.16
C ALA A 357 3.02 -17.06 4.60
N ARG A 358 3.80 -17.48 5.61
CA ARG A 358 4.96 -16.76 6.12
C ARG A 358 5.81 -16.17 5.00
N MET A 359 6.20 -14.92 5.19
CA MET A 359 7.18 -14.31 4.30
C MET A 359 8.56 -14.90 4.56
N ARG A 360 9.34 -15.09 3.50
CA ARG A 360 10.74 -15.45 3.68
C ARG A 360 11.41 -14.40 4.57
N GLY A 361 12.08 -14.85 5.63
CA GLY A 361 12.73 -13.95 6.56
C GLY A 361 13.68 -14.67 7.46
N ALA A 362 14.58 -13.90 8.08
CA ALA A 362 15.63 -14.50 8.92
C ALA A 362 15.08 -14.99 10.25
N HIS A 363 14.21 -14.20 10.88
CA HIS A 363 13.59 -14.53 12.15
C HIS A 363 12.14 -14.04 12.13
N THR A 364 11.31 -14.70 12.92
CA THR A 364 9.87 -14.48 12.89
C THR A 364 9.30 -14.80 14.26
N ASN A 365 8.02 -14.45 14.47
CA ASN A 365 7.25 -15.06 15.55
C ASN A 365 5.78 -15.11 15.17
N ASP A 366 5.01 -15.88 15.94
CA ASP A 366 3.62 -16.20 15.57
C ASP A 366 2.74 -14.95 15.59
N VAL A 367 2.98 -14.05 16.54
CA VAL A 367 2.12 -12.87 16.69
C VAL A 367 2.26 -11.96 15.48
N LYS A 368 3.50 -11.74 15.03
CA LYS A 368 3.71 -10.95 13.82
C LYS A 368 3.03 -11.59 12.62
N GLN A 369 3.16 -12.92 12.48
CA GLN A 369 2.52 -13.61 11.36
C GLN A 369 1.01 -13.50 11.45
N LEU A 370 0.45 -13.72 12.66
CA LEU A 370 -0.98 -13.53 12.85
C LEU A 370 -1.39 -12.12 12.44
N THR A 371 -0.60 -11.13 12.85
CA THR A 371 -0.92 -9.74 12.52
C THR A 371 -0.93 -9.53 11.02
N GLU A 372 0.03 -10.14 10.30
CA GLU A 372 0.07 -9.96 8.85
C GLU A 372 -1.13 -10.62 8.17
N ALA A 373 -1.50 -11.82 8.62
CA ALA A 373 -2.67 -12.49 8.08
C ALA A 373 -3.91 -11.64 8.29
N VAL A 374 -4.04 -11.00 9.46
CA VAL A 374 -5.20 -10.15 9.70
C VAL A 374 -5.24 -9.00 8.70
N GLN A 375 -4.08 -8.33 8.46
CA GLN A 375 -4.12 -7.21 7.50
C GLN A 375 -4.46 -7.69 6.09
N LYS A 376 -4.01 -8.90 5.69
CA LYS A 376 -4.32 -9.41 4.35
C LYS A 376 -5.81 -9.70 4.21
N ILE A 377 -6.40 -10.32 5.22
CA ILE A 377 -7.83 -10.61 5.17
C ILE A 377 -8.62 -9.32 5.19
N THR A 378 -8.19 -8.36 6.01
CA THR A 378 -8.84 -7.05 6.05
C THR A 378 -8.86 -6.45 4.65
N THR A 379 -7.72 -6.47 3.97
CA THR A 379 -7.61 -5.85 2.66
C THR A 379 -8.47 -6.56 1.62
N GLU A 380 -8.40 -7.90 1.59
CA GLU A 380 -9.26 -8.67 0.68
C GLU A 380 -10.74 -8.43 0.98
N SER A 381 -11.09 -8.29 2.27
CA SER A 381 -12.49 -8.08 2.59
C SER A 381 -12.97 -6.70 2.13
N ILE A 382 -12.12 -5.68 2.24
CA ILE A 382 -12.53 -4.36 1.73
C ILE A 382 -12.82 -4.46 0.23
N VAL A 383 -11.97 -5.17 -0.52
CA VAL A 383 -12.18 -5.35 -1.97
C VAL A 383 -13.52 -6.02 -2.24
N ILE A 384 -13.79 -7.13 -1.56
CA ILE A 384 -14.94 -7.97 -1.92
C ILE A 384 -16.22 -7.43 -1.33
N TRP A 385 -16.18 -6.96 -0.07
CA TRP A 385 -17.41 -6.58 0.59
C TRP A 385 -17.46 -5.12 1.01
N GLY A 386 -16.36 -4.39 0.88
CA GLY A 386 -16.38 -3.00 1.31
C GLY A 386 -16.43 -2.79 2.80
N LYS A 387 -16.04 -3.79 3.59
CA LYS A 387 -16.02 -3.58 5.03
C LYS A 387 -15.07 -4.59 5.68
N THR A 388 -14.61 -4.24 6.89
CA THR A 388 -13.74 -5.13 7.67
C THR A 388 -14.59 -6.17 8.41
N PRO A 389 -14.23 -7.44 8.35
CA PRO A 389 -14.94 -8.42 9.16
C PRO A 389 -14.50 -8.33 10.61
N LYS A 390 -15.36 -8.82 11.50
CA LYS A 390 -14.94 -9.06 12.87
C LYS A 390 -14.13 -10.34 12.92
N PHE A 391 -13.07 -10.34 13.72
CA PHE A 391 -12.10 -11.43 13.70
C PHE A 391 -12.26 -12.30 14.94
N LYS A 392 -12.12 -13.60 14.75
CA LYS A 392 -12.03 -14.59 15.82
C LYS A 392 -10.63 -15.18 15.71
N LEU A 393 -9.83 -14.96 16.75
CA LEU A 393 -8.38 -15.19 16.71
C LEU A 393 -7.95 -16.09 17.85
N PRO A 394 -7.03 -17.00 17.60
CA PRO A 394 -6.53 -17.92 18.63
C PRO A 394 -5.41 -17.31 19.45
N ILE A 395 -5.67 -16.17 20.06
CA ILE A 395 -4.72 -15.47 20.91
C ILE A 395 -5.51 -14.82 22.05
N GLN A 396 -5.02 -14.97 23.27
CA GLN A 396 -5.73 -14.40 24.41
C GLN A 396 -5.63 -12.88 24.39
N LYS A 397 -6.68 -12.23 24.87
CA LYS A 397 -6.71 -10.77 24.93
C LYS A 397 -5.53 -10.23 25.73
N GLU A 398 -5.16 -10.90 26.81
CA GLU A 398 -4.04 -10.42 27.62
C GLU A 398 -2.71 -10.60 26.90
N THR A 399 -2.56 -11.69 26.14
CA THR A 399 -1.35 -11.88 25.34
C THR A 399 -1.19 -10.74 24.35
N TRP A 400 -2.26 -10.41 23.62
CA TRP A 400 -2.20 -9.31 22.67
C TRP A 400 -1.82 -8.01 23.35
N GLU A 401 -2.50 -7.71 24.46
CA GLU A 401 -2.24 -6.44 25.19
C GLU A 401 -0.73 -6.38 25.49
N THR A 402 -0.20 -7.41 26.13
CA THR A 402 1.22 -7.44 26.50
C THR A 402 2.10 -7.23 25.27
N TRP A 403 1.74 -7.85 24.14
CA TRP A 403 2.55 -7.73 22.94
C TRP A 403 2.60 -6.30 22.43
N TRP A 404 1.43 -5.70 22.15
CA TRP A 404 1.49 -4.43 21.43
C TRP A 404 1.93 -3.28 22.33
N THR A 405 1.69 -3.37 23.64
CA THR A 405 2.15 -2.29 24.51
C THR A 405 3.67 -2.28 24.62
N GLU A 406 4.34 -3.44 24.52
CA GLU A 406 5.79 -3.54 24.68
C GLU A 406 6.56 -3.61 23.35
N TYR A 407 5.92 -3.87 22.23
CA TYR A 407 6.65 -4.03 20.99
C TYR A 407 7.19 -2.69 20.51
N TRP A 408 8.38 -2.73 19.88
CA TRP A 408 9.04 -1.48 19.51
C TRP A 408 8.37 -0.80 18.32
N GLN A 409 7.61 -1.53 17.51
CA GLN A 409 6.86 -0.92 16.42
C GLN A 409 5.42 -0.60 16.85
N ALA A 410 4.83 0.35 16.15
CA ALA A 410 3.39 0.52 16.20
C ALA A 410 2.73 -0.70 15.54
N THR A 411 1.66 -1.18 16.15
CA THR A 411 0.91 -2.26 15.53
C THR A 411 -0.53 -2.22 16.05
N TRP A 412 -1.44 -2.79 15.25
CA TRP A 412 -2.87 -2.68 15.50
C TRP A 412 -3.56 -3.83 14.81
N ILE A 413 -4.62 -4.35 15.41
CA ILE A 413 -5.51 -5.24 14.68
C ILE A 413 -6.92 -4.80 15.02
N PRO A 414 -7.83 -4.84 14.06
CA PRO A 414 -9.18 -4.31 14.28
C PRO A 414 -10.00 -5.22 15.18
N GLU A 415 -11.22 -4.78 15.50
CA GLU A 415 -12.07 -5.43 16.48
C GLU A 415 -12.10 -6.94 16.33
N TRP A 416 -11.83 -7.63 17.44
CA TRP A 416 -11.63 -9.07 17.40
C TRP A 416 -11.96 -9.66 18.75
N GLU A 417 -12.17 -11.00 18.75
CA GLU A 417 -12.44 -11.76 19.97
C GLU A 417 -11.63 -13.04 20.00
N PHE A 418 -11.26 -13.45 21.21
CA PHE A 418 -10.50 -14.67 21.41
C PHE A 418 -11.40 -15.87 21.12
N VAL A 419 -10.89 -16.80 20.31
CA VAL A 419 -11.52 -18.10 20.13
C VAL A 419 -10.56 -19.16 20.65
N ASN A 420 -11.06 -20.02 21.56
CA ASN A 420 -10.20 -20.98 22.27
C ASN A 420 -10.17 -22.30 21.52
N THR A 421 -9.46 -22.30 20.40
CA THR A 421 -9.23 -23.51 19.62
C THR A 421 -7.73 -23.64 19.36
N PRO A 422 -7.06 -24.64 19.94
CA PRO A 422 -5.60 -24.75 19.83
C PRO A 422 -5.19 -25.05 18.39
N PRO A 423 -3.90 -24.82 18.04
CA PRO A 423 -2.85 -24.24 18.90
C PRO A 423 -3.02 -22.73 19.09
N LEU A 424 -2.87 -22.27 20.33
CA LEU A 424 -2.99 -20.85 20.64
C LEU A 424 -1.66 -20.16 20.36
N VAL A 425 -1.75 -18.94 19.84
CA VAL A 425 -0.59 -18.07 19.69
C VAL A 425 -0.27 -17.52 21.07
N LYS A 426 1.01 -17.57 21.45
CA LYS A 426 1.36 -17.06 22.76
C LYS A 426 2.75 -16.46 22.72
N LEU A 427 3.08 -15.73 23.79
CA LEU A 427 4.42 -15.20 24.01
C LEU A 427 5.22 -16.24 24.77
N TRP A 428 6.36 -16.64 24.21
CA TRP A 428 7.17 -17.69 24.78
C TRP A 428 8.18 -17.16 25.80
N TYR A 429 8.58 -15.90 25.71
CA TYR A 429 9.47 -15.28 26.68
C TYR A 429 9.25 -13.79 26.60
N GLN A 430 9.65 -13.08 27.66
CA GLN A 430 9.61 -11.60 27.70
C GLN A 430 10.78 -11.13 28.57
N LEU A 431 11.65 -10.26 28.08
CA LEU A 431 12.79 -9.75 28.81
C LEU A 431 12.34 -8.73 29.85
N GLU A 432 13.12 -8.63 30.92
CA GLU A 432 12.88 -7.68 31.99
C GLU A 432 13.17 -6.26 31.52
N LYS A 433 12.53 -5.31 32.17
CA LYS A 433 12.82 -3.90 31.90
C LYS A 433 13.89 -3.33 32.81
N GLU A 434 14.18 -3.98 33.93
CA GLU A 434 15.18 -3.52 34.90
C GLU A 434 16.09 -4.66 35.30
N PRO A 435 17.33 -4.36 35.73
CA PRO A 435 18.23 -5.43 36.19
C PRO A 435 17.63 -6.14 37.40
N ILE A 436 17.91 -7.44 37.47
CA ILE A 436 17.32 -8.30 38.49
C ILE A 436 18.21 -8.32 39.74
N VAL A 437 17.66 -7.94 40.89
CA VAL A 437 18.42 -8.00 42.14
C VAL A 437 18.62 -9.45 42.53
N GLY A 438 19.84 -9.79 42.96
CA GLY A 438 20.13 -11.13 43.44
C GLY A 438 20.41 -12.15 42.35
N ALA A 439 20.21 -11.81 41.09
CA ALA A 439 20.55 -12.69 39.98
C ALA A 439 22.02 -12.47 39.61
N GLU A 440 22.68 -13.56 39.22
CA GLU A 440 24.08 -13.48 38.79
C GLU A 440 24.20 -12.65 37.51
N THR A 441 25.29 -11.88 37.40
CA THR A 441 25.50 -11.02 36.23
C THR A 441 26.57 -11.63 35.34
N PHE A 442 26.20 -11.97 34.11
CA PHE A 442 27.11 -12.54 33.10
C PHE A 442 27.56 -11.47 32.11
N TYR A 443 28.86 -11.16 32.11
CA TYR A 443 29.44 -10.30 31.09
C TYR A 443 29.94 -11.19 29.95
N VAL A 444 29.38 -11.02 28.76
CA VAL A 444 29.70 -11.96 27.68
C VAL A 444 30.46 -11.24 26.59
N ASP A 445 31.27 -12.00 25.85
CA ASP A 445 31.96 -11.44 24.69
C ASP A 445 32.42 -12.55 23.76
N GLY A 446 32.59 -12.21 22.49
CA GLY A 446 33.16 -13.12 21.52
C GLY A 446 33.87 -12.33 20.45
N ALA A 447 34.76 -13.00 19.74
CA ALA A 447 35.48 -12.36 18.64
C ALA A 447 36.03 -13.44 17.73
N ALA A 448 36.27 -13.08 16.48
CA ALA A 448 36.80 -14.03 15.50
C ALA A 448 37.82 -13.34 14.60
N ASN A 449 38.78 -14.12 14.15
CA ASN A 449 39.77 -13.65 13.19
C ASN A 449 39.20 -13.84 11.80
N ARG A 450 39.08 -12.75 11.03
CA ARG A 450 38.36 -12.85 9.76
C ARG A 450 39.16 -13.60 8.69
N GLU A 451 40.49 -13.66 8.83
CA GLU A 451 41.29 -14.43 7.88
C GLU A 451 41.11 -15.93 8.10
N THR A 452 41.42 -16.39 9.31
CA THR A 452 41.43 -17.81 9.62
C THR A 452 40.08 -18.33 10.12
N LYS A 453 39.12 -17.45 10.40
CA LYS A 453 37.78 -17.82 10.89
C LYS A 453 37.84 -18.63 12.20
N LEU A 454 38.91 -18.46 12.97
CA LEU A 454 38.99 -18.98 14.33
C LEU A 454 38.51 -17.92 15.31
N GLY A 455 37.79 -18.34 16.35
CA GLY A 455 37.32 -17.39 17.34
C GLY A 455 37.17 -17.97 18.73
N LYS A 456 36.52 -17.21 19.61
CA LYS A 456 36.34 -17.57 21.01
C LYS A 456 35.05 -16.92 21.45
N ALA A 457 34.34 -17.58 22.35
CA ALA A 457 33.17 -16.97 22.98
C ALA A 457 33.22 -17.32 24.46
N GLY A 458 32.72 -16.41 25.30
CA GLY A 458 32.78 -16.70 26.72
C GLY A 458 32.12 -15.62 27.56
N TYR A 459 32.25 -15.80 28.87
CA TYR A 459 31.67 -14.89 29.85
C TYR A 459 32.52 -14.90 31.11
N VAL A 460 32.33 -13.87 31.94
CA VAL A 460 32.74 -13.86 33.34
C VAL A 460 31.62 -13.24 34.14
N THR A 461 31.42 -13.70 35.39
CA THR A 461 30.33 -13.21 36.23
C THR A 461 30.83 -12.61 37.53
N ASN A 462 29.92 -11.91 38.21
CA ASN A 462 30.23 -11.30 39.50
C ASN A 462 30.53 -12.32 40.59
N LYS A 463 30.21 -13.60 40.38
CA LYS A 463 30.55 -14.59 41.38
C LYS A 463 31.86 -15.30 41.05
N GLY A 464 32.54 -14.86 40.00
CA GLY A 464 33.78 -15.49 39.58
C GLY A 464 33.62 -16.65 38.63
N ARG A 465 32.39 -17.01 38.25
CA ARG A 465 32.20 -18.00 37.20
C ARG A 465 32.74 -17.47 35.88
N GLN A 466 33.42 -18.33 35.13
CA GLN A 466 34.08 -17.94 33.89
C GLN A 466 33.99 -19.07 32.89
N LYS A 467 33.98 -18.74 31.61
CA LYS A 467 34.04 -19.80 30.58
C LYS A 467 34.47 -19.20 29.27
N VAL A 468 35.48 -19.77 28.63
CA VAL A 468 35.85 -19.41 27.27
C VAL A 468 35.91 -20.69 26.44
N VAL A 469 35.34 -20.65 25.24
CA VAL A 469 35.26 -21.82 24.37
C VAL A 469 35.90 -21.47 23.04
N PRO A 470 36.86 -22.26 22.55
CA PRO A 470 37.42 -21.98 21.22
C PRO A 470 36.51 -22.50 20.13
N LEU A 471 36.42 -21.72 19.05
CA LEU A 471 35.49 -21.97 17.96
C LEU A 471 36.24 -21.95 16.63
N THR A 472 35.78 -22.76 15.68
CA THR A 472 36.34 -22.80 14.34
C THR A 472 35.25 -22.48 13.31
N ASN A 473 35.67 -21.95 12.16
CA ASN A 473 34.75 -21.62 11.07
C ASN A 473 33.60 -20.76 11.55
N THR A 474 33.97 -19.56 12.01
CA THR A 474 33.02 -18.68 12.67
C THR A 474 33.36 -17.23 12.31
N THR A 475 32.49 -16.33 12.75
CA THR A 475 32.54 -14.91 12.44
C THR A 475 32.33 -14.14 13.73
N ASN A 476 32.56 -12.83 13.68
CA ASN A 476 32.34 -12.01 14.87
C ASN A 476 30.89 -12.14 15.34
N GLN A 477 29.95 -12.06 14.40
CA GLN A 477 28.53 -12.11 14.74
C GLN A 477 28.14 -13.45 15.34
N LYS A 478 28.65 -14.55 14.79
CA LYS A 478 28.35 -15.85 15.37
C LYS A 478 28.90 -15.95 16.79
N THR A 479 30.12 -15.47 17.02
CA THR A 479 30.71 -15.61 18.36
C THR A 479 29.96 -14.77 19.37
N GLU A 480 29.42 -13.62 18.96
CA GLU A 480 28.65 -12.78 19.88
C GLU A 480 27.37 -13.49 20.31
N LEU A 481 26.76 -14.24 19.40
CA LEU A 481 25.56 -14.99 19.77
C LEU A 481 25.92 -16.21 20.60
N GLN A 482 27.05 -16.84 20.29
CA GLN A 482 27.51 -18.04 21.04
C GLN A 482 27.74 -17.65 22.50
N ALA A 483 28.34 -16.48 22.70
CA ALA A 483 28.62 -16.05 24.06
C ALA A 483 27.33 -15.88 24.85
N ILE A 484 26.32 -15.26 24.24
CA ILE A 484 25.03 -15.12 24.92
C ILE A 484 24.44 -16.49 25.24
N TYR A 485 24.54 -17.43 24.29
CA TYR A 485 24.01 -18.77 24.49
C TYR A 485 24.71 -19.47 25.67
N LEU A 486 26.02 -19.32 25.77
CA LEU A 486 26.76 -19.94 26.89
C LEU A 486 26.26 -19.35 28.21
N ALA A 487 26.07 -18.03 28.26
CA ALA A 487 25.58 -17.43 29.51
C ALA A 487 24.20 -17.99 29.88
N LEU A 488 23.30 -18.11 28.90
CA LEU A 488 21.98 -18.67 29.18
C LEU A 488 22.09 -20.12 29.65
N GLN A 489 22.96 -20.90 29.02
CA GLN A 489 23.08 -22.35 29.35
C GLN A 489 23.63 -22.56 30.76
N ASP A 490 24.50 -21.68 31.25
CA ASP A 490 25.19 -21.93 32.55
C ASP A 490 24.62 -21.13 33.71
N SER A 491 23.52 -20.43 33.51
CA SER A 491 22.99 -19.60 34.59
C SER A 491 21.75 -20.24 35.19
N GLY A 492 21.34 -19.73 36.35
CA GLY A 492 20.08 -20.13 36.93
C GLY A 492 18.84 -19.58 36.23
N LEU A 493 17.70 -19.64 36.91
CA LEU A 493 16.43 -19.28 36.29
C LEU A 493 16.29 -17.77 36.07
N GLU A 494 17.07 -16.98 36.80
CA GLU A 494 17.10 -15.54 36.70
C GLU A 494 18.53 -15.11 36.40
N VAL A 495 18.72 -14.25 35.39
CA VAL A 495 20.07 -13.92 34.97
C VAL A 495 20.10 -12.52 34.36
N ASN A 496 21.13 -11.76 34.70
CA ASN A 496 21.45 -10.50 34.02
C ASN A 496 22.59 -10.78 33.04
N ILE A 497 22.43 -10.36 31.80
CA ILE A 497 23.47 -10.57 30.78
C ILE A 497 23.88 -9.22 30.21
N VAL A 498 25.18 -8.97 30.15
CA VAL A 498 25.72 -7.73 29.61
C VAL A 498 26.50 -8.06 28.34
N THR A 499 26.13 -7.43 27.22
CA THR A 499 26.78 -7.70 25.94
C THR A 499 27.10 -6.39 25.26
N ASP A 500 28.10 -6.39 24.37
CA ASP A 500 28.33 -5.21 23.55
C ASP A 500 27.88 -5.41 22.10
N SER A 501 27.12 -6.46 21.81
CA SER A 501 26.79 -6.82 20.42
C SER A 501 25.53 -6.09 20.00
N GLN A 502 25.68 -5.08 19.13
CA GLN A 502 24.47 -4.45 18.58
C GLN A 502 23.70 -5.43 17.71
N TYR A 503 24.43 -6.30 17.01
CA TYR A 503 23.79 -7.33 16.19
C TYR A 503 22.88 -8.23 17.03
N ALA A 504 23.38 -8.75 18.16
CA ALA A 504 22.58 -9.65 18.99
C ALA A 504 21.37 -8.93 19.57
N LEU A 505 21.55 -7.68 20.01
CA LEU A 505 20.41 -6.94 20.54
C LEU A 505 19.37 -6.67 19.46
N GLY A 506 19.81 -6.36 18.24
CA GLY A 506 18.86 -6.20 17.14
C GLY A 506 17.96 -7.41 16.97
N ILE A 507 18.53 -8.61 17.04
CA ILE A 507 17.74 -9.83 16.90
C ILE A 507 16.82 -10.00 18.10
N ILE A 508 17.38 -9.92 19.30
CA ILE A 508 16.57 -10.20 20.49
C ILE A 508 15.47 -9.15 20.65
N GLN A 509 15.77 -7.88 20.36
CA GLN A 509 14.73 -6.87 20.50
C GLN A 509 13.60 -7.06 19.49
N ALA A 510 13.82 -7.83 18.43
CA ALA A 510 12.71 -8.14 17.53
C ALA A 510 11.88 -9.31 18.02
N GLN A 511 12.26 -9.95 19.15
CA GLN A 511 11.49 -11.00 19.82
C GLN A 511 11.12 -12.16 18.90
N PRO A 512 12.06 -12.79 18.22
CA PRO A 512 11.73 -13.99 17.46
C PRO A 512 11.36 -15.16 18.36
N ASP A 513 10.47 -16.00 17.87
CA ASP A 513 10.28 -17.31 18.45
C ASP A 513 10.78 -18.43 17.55
N LYS A 514 11.31 -18.11 16.37
CA LYS A 514 11.85 -19.12 15.48
C LYS A 514 12.78 -18.44 14.50
N SER A 515 13.84 -19.13 14.11
CA SER A 515 14.87 -18.51 13.30
C SER A 515 15.32 -19.46 12.20
N GLU A 516 15.86 -18.86 11.13
CA GLU A 516 16.67 -19.58 10.16
C GLU A 516 17.99 -20.07 10.76
N SER A 517 18.53 -19.39 11.77
CA SER A 517 19.80 -19.75 12.39
C SER A 517 19.57 -20.71 13.55
N GLU A 518 20.24 -21.86 13.52
CA GLU A 518 20.04 -22.78 14.63
C GLU A 518 20.64 -22.26 15.92
N LEU A 519 21.62 -21.36 15.82
CA LEU A 519 22.15 -20.74 17.02
C LEU A 519 21.11 -19.84 17.68
N VAL A 520 20.36 -19.05 16.89
CA VAL A 520 19.31 -18.21 17.46
C VAL A 520 18.20 -19.08 18.03
N ASN A 521 17.85 -20.17 17.35
CA ASN A 521 16.86 -21.09 17.90
C ASN A 521 17.31 -21.67 19.23
N GLN A 522 18.59 -21.98 19.34
CA GLN A 522 19.08 -22.47 20.62
C GLN A 522 18.93 -21.40 21.69
N ILE A 523 19.20 -20.15 21.33
CA ILE A 523 19.04 -19.06 22.30
C ILE A 523 17.58 -18.94 22.71
N ILE A 524 16.67 -18.97 21.74
CA ILE A 524 15.24 -18.91 22.03
C ILE A 524 14.85 -20.02 23.00
N GLU A 525 15.32 -21.23 22.72
CA GLU A 525 14.96 -22.39 23.57
C GLU A 525 15.46 -22.15 24.99
N GLN A 526 16.65 -21.59 25.13
CA GLN A 526 17.11 -21.26 26.49
C GLN A 526 16.26 -20.17 27.13
N LEU A 527 15.94 -19.13 26.37
CA LEU A 527 15.12 -18.05 26.93
C LEU A 527 13.80 -18.57 27.49
N ILE A 528 13.16 -19.49 26.78
CA ILE A 528 11.87 -20.04 27.20
C ILE A 528 11.98 -20.73 28.56
N LYS A 529 13.15 -21.31 28.86
CA LYS A 529 13.30 -22.00 30.13
C LYS A 529 13.52 -21.04 31.31
N LYS A 530 13.88 -19.79 31.06
CA LYS A 530 14.22 -18.93 32.18
C LYS A 530 12.95 -18.37 32.83
N GLU A 531 13.08 -17.93 34.08
CA GLU A 531 12.05 -17.12 34.73
C GLU A 531 12.23 -15.63 34.44
N LYS A 532 13.46 -15.12 34.57
CA LYS A 532 13.71 -13.70 34.30
C LYS A 532 15.05 -13.53 33.59
N VAL A 533 15.06 -12.72 32.53
CA VAL A 533 16.28 -12.38 31.81
C VAL A 533 16.30 -10.86 31.63
N TYR A 534 17.37 -10.23 32.10
CA TYR A 534 17.64 -8.83 31.77
C TYR A 534 18.85 -8.77 30.86
N LEU A 535 18.69 -8.15 29.70
CA LEU A 535 19.74 -8.06 28.70
C LEU A 535 20.21 -6.61 28.62
N ALA A 536 21.48 -6.36 28.95
CA ALA A 536 22.02 -5.01 28.97
C ALA A 536 23.05 -4.85 27.87
N TRP A 537 23.08 -3.67 27.25
CA TRP A 537 24.00 -3.37 26.18
C TRP A 537 24.98 -2.30 26.64
N VAL A 538 26.26 -2.47 26.28
CA VAL A 538 27.27 -1.43 26.49
C VAL A 538 28.06 -1.28 25.20
N PRO A 539 28.60 -0.11 24.90
CA PRO A 539 29.48 0.01 23.72
C PRO A 539 30.79 -0.72 23.89
N ALA A 540 31.31 -1.25 22.79
CA ALA A 540 32.58 -1.96 22.84
C ALA A 540 33.78 -1.02 22.97
N HIS A 541 34.89 -1.56 23.50
CA HIS A 541 36.23 -0.96 23.43
C HIS A 541 36.37 0.29 24.30
N LYS A 542 35.72 0.33 25.44
CA LYS A 542 35.66 1.57 26.19
C LYS A 542 36.27 1.50 27.59
N GLY A 543 36.76 0.34 28.03
CA GLY A 543 37.25 0.21 29.39
C GLY A 543 36.20 -0.25 30.36
N ILE A 544 35.02 -0.66 29.86
CA ILE A 544 33.92 -1.14 30.69
C ILE A 544 34.36 -2.41 31.40
N GLY A 545 34.57 -2.31 32.70
CA GLY A 545 34.97 -3.49 33.45
C GLY A 545 33.93 -4.58 33.39
N GLY A 546 34.39 -5.82 33.55
CA GLY A 546 33.57 -6.96 33.22
C GLY A 546 33.66 -7.23 31.72
N ASN A 547 33.22 -6.27 30.91
CA ASN A 547 33.33 -6.42 29.44
C ASN A 547 34.81 -6.41 29.10
N GLU A 548 35.52 -5.45 29.68
CA GLU A 548 36.92 -5.28 29.31
C GLU A 548 37.76 -6.50 29.66
N GLN A 549 37.35 -7.25 30.69
CA GLN A 549 38.10 -8.45 31.07
C GLN A 549 37.86 -9.60 30.08
N VAL A 550 36.59 -9.90 29.77
CA VAL A 550 36.26 -11.00 28.87
C VAL A 550 36.45 -10.62 27.39
N ASP A 551 36.59 -9.34 27.08
CA ASP A 551 37.03 -8.94 25.74
C ASP A 551 38.48 -9.35 25.49
N LYS A 552 39.31 -9.27 26.53
CA LYS A 552 40.72 -9.65 26.42
C LYS A 552 40.90 -11.16 26.44
N LEU A 553 39.97 -11.90 27.06
CA LEU A 553 40.06 -13.35 27.07
C LEU A 553 39.66 -13.95 25.73
N VAL A 554 38.61 -13.41 25.10
CA VAL A 554 38.10 -13.98 23.86
C VAL A 554 38.79 -13.45 22.61
N SER A 555 39.39 -12.26 22.67
CA SER A 555 40.13 -11.72 21.53
C SER A 555 41.60 -12.07 21.56
N ALA A 556 42.03 -12.93 22.49
CA ALA A 556 43.42 -13.36 22.56
C ALA A 556 43.70 -14.47 21.56
N ILE B 5 -9.67 32.90 -15.40
CA ILE B 5 -10.69 32.71 -16.42
C ILE B 5 -10.05 32.29 -17.74
N GLU B 6 -8.76 32.60 -17.92
CA GLU B 6 -7.96 32.11 -19.03
C GLU B 6 -6.85 31.21 -18.50
N THR B 7 -6.63 30.10 -19.19
CA THR B 7 -5.77 29.03 -18.71
C THR B 7 -4.30 29.46 -18.67
N VAL B 8 -3.56 28.91 -17.70
CA VAL B 8 -2.11 28.94 -17.69
C VAL B 8 -1.60 27.67 -18.34
N PRO B 9 -0.65 27.76 -19.27
CA PRO B 9 -0.10 26.54 -19.87
C PRO B 9 0.66 25.73 -18.82
N VAL B 10 0.40 24.43 -18.79
CA VAL B 10 1.06 23.52 -17.86
C VAL B 10 1.51 22.29 -18.62
N LYS B 11 2.75 21.86 -18.35
CA LYS B 11 3.30 20.66 -18.94
C LYS B 11 3.91 19.80 -17.85
N LEU B 12 4.17 18.54 -18.18
CA LEU B 12 4.94 17.68 -17.28
C LEU B 12 6.44 17.97 -17.44
N LYS B 13 7.23 17.35 -16.57
CA LYS B 13 8.67 17.41 -16.71
C LYS B 13 9.10 16.73 -18.01
N PRO B 14 10.24 17.12 -18.57
CA PRO B 14 10.70 16.50 -19.83
C PRO B 14 10.85 14.98 -19.71
N GLY B 15 10.50 14.29 -20.80
CA GLY B 15 10.60 12.84 -20.88
C GLY B 15 9.94 12.14 -19.72
N MET B 16 8.64 12.38 -19.55
CA MET B 16 7.94 12.01 -18.32
C MET B 16 6.46 11.85 -18.65
N ASP B 17 5.91 10.67 -18.37
CA ASP B 17 4.49 10.38 -18.67
C ASP B 17 3.60 10.73 -17.48
N GLY B 18 2.29 10.67 -17.69
CA GLY B 18 1.32 10.92 -16.65
C GLY B 18 1.26 9.79 -15.63
N PRO B 19 0.63 10.05 -14.48
CA PRO B 19 0.61 9.02 -13.44
C PRO B 19 -0.27 7.87 -13.85
N LYS B 20 0.15 6.68 -13.48
CA LYS B 20 -0.69 5.49 -13.67
C LYS B 20 -0.71 4.72 -12.37
N VAL B 21 -1.42 5.26 -11.37
CA VAL B 21 -1.35 4.76 -10.01
C VAL B 21 -2.64 4.03 -9.69
N LYS B 22 -2.52 2.86 -9.07
CA LYS B 22 -3.68 2.01 -8.83
C LYS B 22 -4.52 2.57 -7.69
N GLN B 23 -5.83 2.61 -7.90
CA GLN B 23 -6.79 2.93 -6.85
C GLN B 23 -6.79 1.86 -5.77
N TRP B 24 -6.55 2.21 -4.51
CA TRP B 24 -6.56 1.20 -3.47
C TRP B 24 -8.00 0.92 -3.01
N PRO B 25 -8.22 -0.15 -2.25
CA PRO B 25 -9.59 -0.53 -1.90
C PRO B 25 -10.24 0.47 -0.96
N LEU B 26 -11.52 0.76 -1.23
CA LEU B 26 -12.28 1.70 -0.42
C LEU B 26 -13.45 1.00 0.25
N THR B 27 -13.78 1.44 1.46
CA THR B 27 -14.97 0.94 2.11
C THR B 27 -16.24 1.43 1.44
N GLU B 28 -17.30 0.67 1.67
CA GLU B 28 -18.64 1.04 1.22
C GLU B 28 -19.00 2.48 1.58
N GLU B 29 -18.77 2.87 2.83
CA GLU B 29 -19.17 4.22 3.26
C GLU B 29 -18.42 5.31 2.48
N LYS B 30 -17.15 5.05 2.17
CA LYS B 30 -16.39 6.07 1.45
C LYS B 30 -16.79 6.10 -0.03
N ILE B 31 -17.02 4.93 -0.63
CA ILE B 31 -17.46 4.90 -2.01
C ILE B 31 -18.75 5.70 -2.16
N LYS B 32 -19.72 5.47 -1.27
CA LYS B 32 -20.97 6.19 -1.35
C LYS B 32 -20.76 7.70 -1.19
N ALA B 33 -19.92 8.11 -0.24
CA ALA B 33 -19.66 9.53 -0.06
C ALA B 33 -19.01 10.12 -1.30
N LEU B 34 -18.09 9.38 -1.93
CA LEU B 34 -17.44 9.92 -3.10
C LEU B 34 -18.42 10.03 -4.27
N VAL B 35 -19.33 9.06 -4.41
CA VAL B 35 -20.31 9.12 -5.49
C VAL B 35 -21.18 10.37 -5.37
N GLU B 36 -21.61 10.70 -4.14
CA GLU B 36 -22.43 11.88 -3.93
C GLU B 36 -21.64 13.17 -4.17
N ILE B 37 -20.40 13.24 -3.66
CA ILE B 37 -19.58 14.43 -3.88
C ILE B 37 -19.35 14.63 -5.37
N CYS B 38 -18.99 13.55 -6.08
CA CYS B 38 -18.61 13.70 -7.48
C CYS B 38 -19.81 14.00 -8.36
N THR B 39 -20.97 13.44 -8.04
CA THR B 39 -22.18 13.77 -8.80
C THR B 39 -22.46 15.27 -8.71
N GLU B 40 -22.31 15.84 -7.52
CA GLU B 40 -22.46 17.28 -7.34
C GLU B 40 -21.37 18.05 -8.11
N MET B 41 -20.11 17.62 -7.99
CA MET B 41 -19.02 18.32 -8.69
C MET B 41 -19.25 18.31 -10.19
N GLU B 42 -19.83 17.21 -10.71
CA GLU B 42 -20.00 17.06 -12.14
C GLU B 42 -21.06 18.03 -12.65
N LYS B 43 -22.17 18.15 -11.90
CA LYS B 43 -23.21 19.11 -12.24
C LYS B 43 -22.71 20.54 -12.15
N GLU B 44 -21.75 20.82 -11.28
CA GLU B 44 -21.18 22.15 -11.22
C GLU B 44 -20.08 22.39 -12.25
N GLY B 45 -19.81 21.42 -13.12
CA GLY B 45 -18.77 21.54 -14.14
C GLY B 45 -17.35 21.39 -13.65
N LYS B 46 -17.13 21.04 -12.39
CA LYS B 46 -15.77 20.96 -11.87
C LYS B 46 -15.01 19.77 -12.44
N ILE B 47 -15.72 18.68 -12.72
CA ILE B 47 -15.14 17.46 -13.26
C ILE B 47 -16.06 17.00 -14.38
N SER B 48 -15.53 16.15 -15.25
CA SER B 48 -16.28 15.54 -16.35
C SER B 48 -15.89 14.07 -16.48
N LYS B 49 -16.84 13.25 -16.94
CA LYS B 49 -16.55 11.85 -17.20
C LYS B 49 -15.57 11.72 -18.35
N ILE B 50 -14.78 10.66 -18.32
CA ILE B 50 -13.78 10.45 -19.36
C ILE B 50 -13.93 9.05 -19.92
N GLY B 51 -13.34 8.85 -21.09
CA GLY B 51 -13.46 7.60 -21.80
C GLY B 51 -12.22 6.75 -21.63
N PRO B 52 -12.21 5.59 -22.29
CA PRO B 52 -11.10 4.65 -22.11
C PRO B 52 -9.83 5.05 -22.85
N GLU B 53 -9.87 6.08 -23.69
CA GLU B 53 -8.64 6.59 -24.29
C GLU B 53 -7.77 7.33 -23.28
N ASN B 54 -8.25 7.55 -22.07
CA ASN B 54 -7.41 8.14 -21.03
C ASN B 54 -6.90 7.03 -20.13
N PRO B 55 -5.60 6.73 -20.14
CA PRO B 55 -5.10 5.61 -19.34
C PRO B 55 -4.54 6.02 -17.99
N TYR B 56 -4.56 7.30 -17.64
CA TYR B 56 -3.95 7.76 -16.40
C TYR B 56 -4.86 7.54 -15.20
N ASN B 57 -4.24 7.54 -14.02
CA ASN B 57 -5.04 7.43 -12.82
C ASN B 57 -4.26 7.90 -11.60
N THR B 58 -5.00 8.49 -10.66
CA THR B 58 -4.52 8.90 -9.37
C THR B 58 -5.49 8.40 -8.31
N PRO B 59 -5.03 7.84 -7.19
CA PRO B 59 -5.97 7.35 -6.17
C PRO B 59 -6.77 8.48 -5.54
N VAL B 60 -7.97 8.14 -5.13
CA VAL B 60 -8.81 9.05 -4.38
C VAL B 60 -9.32 8.31 -3.15
N PHE B 61 -9.58 9.05 -2.09
CA PHE B 61 -10.36 8.51 -0.98
C PHE B 61 -11.10 9.68 -0.37
N ALA B 62 -11.61 9.49 0.84
CA ALA B 62 -12.45 10.47 1.52
C ALA B 62 -12.07 10.49 2.99
N ILE B 63 -12.10 11.68 3.59
CA ILE B 63 -11.76 11.85 4.99
C ILE B 63 -12.84 12.71 5.65
N LYS B 64 -12.76 12.76 6.97
CA LYS B 64 -13.50 13.74 7.78
C LYS B 64 -12.49 14.67 8.44
N LYS B 65 -12.57 15.96 8.12
CA LYS B 65 -11.65 16.91 8.73
C LYS B 65 -11.88 16.97 10.24
N LYS B 66 -10.84 17.41 10.95
CA LYS B 66 -10.81 17.39 12.40
C LYS B 66 -11.93 18.26 12.98
N ASP B 67 -12.93 17.59 13.57
CA ASP B 67 -14.08 18.14 14.31
C ASP B 67 -15.30 18.37 13.42
N SER B 68 -15.53 17.51 12.44
CA SER B 68 -16.71 17.64 11.59
C SER B 68 -17.21 16.27 11.17
N THR B 69 -18.46 16.25 10.70
CA THR B 69 -19.16 15.03 10.33
C THR B 69 -19.38 14.88 8.83
N LYS B 70 -18.89 15.82 8.03
CA LYS B 70 -19.10 15.83 6.59
C LYS B 70 -17.85 15.34 5.86
N TRP B 71 -18.06 14.51 4.84
CA TRP B 71 -16.94 13.91 4.12
C TRP B 71 -16.28 14.91 3.19
N ARG B 72 -14.95 14.85 3.13
CA ARG B 72 -14.18 15.62 2.16
C ARG B 72 -13.47 14.63 1.24
N LYS B 73 -13.51 14.93 -0.05
CA LYS B 73 -12.78 14.16 -1.03
C LYS B 73 -11.29 14.50 -0.94
N LEU B 74 -10.43 13.49 -0.95
CA LEU B 74 -9.01 13.76 -1.05
C LEU B 74 -8.42 12.94 -2.19
N VAL B 75 -7.65 13.60 -3.05
CA VAL B 75 -6.98 12.96 -4.17
C VAL B 75 -5.50 12.88 -3.81
N ASP B 76 -4.92 11.69 -3.93
CA ASP B 76 -3.50 11.49 -3.62
C ASP B 76 -2.72 11.86 -4.88
N PHE B 77 -2.46 13.17 -5.02
CA PHE B 77 -1.68 13.63 -6.17
C PHE B 77 -0.16 13.49 -5.98
N ARG B 78 0.33 12.64 -5.08
CA ARG B 78 1.78 12.63 -4.82
C ARG B 78 2.58 12.39 -6.10
N GLU B 79 2.15 11.39 -6.89
CA GLU B 79 2.89 11.04 -8.10
C GLU B 79 2.78 12.16 -9.13
N LEU B 80 1.58 12.66 -9.35
CA LEU B 80 1.41 13.78 -10.27
C LEU B 80 2.24 14.98 -9.84
N ASN B 81 2.35 15.21 -8.53
CA ASN B 81 3.13 16.35 -8.06
C ASN B 81 4.60 16.17 -8.39
N LYS B 82 5.14 14.94 -8.24
CA LYS B 82 6.52 14.70 -8.61
C LYS B 82 6.74 14.96 -10.10
N ARG B 83 5.78 14.59 -10.95
CA ARG B 83 5.98 14.63 -12.40
C ARG B 83 5.56 15.94 -13.02
N THR B 84 5.01 16.86 -12.25
CA THR B 84 4.60 18.14 -12.79
C THR B 84 5.78 19.09 -12.75
N GLN B 85 5.95 19.84 -13.85
CA GLN B 85 6.94 20.92 -13.96
C GLN B 85 7.04 21.72 -12.68
N ASP B 86 8.17 22.35 -12.46
CA ASP B 86 8.25 23.26 -11.35
C ASP B 86 7.84 24.65 -11.81
N PHE B 87 7.31 25.43 -10.88
CA PHE B 87 6.59 26.67 -11.19
C PHE B 87 7.36 27.88 -10.67
N TRP B 88 8.30 28.35 -11.50
CA TRP B 88 9.08 29.52 -11.15
C TRP B 88 8.90 30.67 -12.15
N GLU B 89 7.83 30.67 -12.94
CA GLU B 89 7.76 31.59 -14.08
C GLU B 89 7.61 33.04 -13.62
N VAL B 90 6.58 33.34 -12.82
CA VAL B 90 6.45 34.67 -12.26
C VAL B 90 7.37 34.87 -11.05
N GLN B 91 7.54 33.82 -10.24
CA GLN B 91 8.31 33.82 -9.01
C GLN B 91 9.25 32.63 -8.94
N LEU B 92 10.52 32.88 -8.63
CA LEU B 92 11.42 31.79 -8.27
C LEU B 92 10.86 30.97 -7.13
N GLY B 93 9.95 31.54 -6.36
CA GLY B 93 9.35 30.86 -5.22
C GLY B 93 8.75 31.88 -4.29
N ILE B 94 8.04 31.37 -3.30
CA ILE B 94 7.50 32.25 -2.27
C ILE B 94 8.44 32.15 -1.07
N PRO B 95 9.48 33.02 -0.99
CA PRO B 95 10.53 32.85 0.02
C PRO B 95 9.89 32.59 1.37
N HIS B 96 10.14 31.41 1.92
CA HIS B 96 9.36 30.99 3.07
C HIS B 96 9.45 32.03 4.18
N PRO B 97 8.34 32.53 4.69
CA PRO B 97 8.39 33.52 5.78
C PRO B 97 8.92 32.94 7.09
N ALA B 98 10.11 33.36 7.50
CA ALA B 98 10.71 32.84 8.73
C ALA B 98 10.04 33.38 9.98
N GLY B 99 9.25 34.45 9.87
CA GLY B 99 8.55 34.96 11.02
C GLY B 99 7.31 34.17 11.41
N LEU B 100 6.82 33.31 10.51
CA LEU B 100 5.59 32.59 10.78
C LEU B 100 5.71 31.77 12.06
N LYS B 101 6.81 31.05 12.22
CA LYS B 101 7.07 30.18 13.37
C LYS B 101 7.28 30.92 14.67
N LYS B 102 7.07 32.23 14.79
CA LYS B 102 7.28 32.92 16.05
C LYS B 102 6.03 33.63 16.54
N LYS B 103 4.93 33.57 15.79
CA LYS B 103 3.65 34.04 16.29
C LYS B 103 3.21 33.22 17.49
N LYS B 104 2.40 33.84 18.35
CA LYS B 104 1.86 33.12 19.50
C LYS B 104 0.72 32.20 19.09
N SER B 105 0.05 32.53 18.00
CA SER B 105 -1.00 31.68 17.46
C SER B 105 -0.97 31.75 15.95
N VAL B 106 -1.07 30.59 15.31
CA VAL B 106 -1.18 30.46 13.88
C VAL B 106 -2.39 29.59 13.61
N THR B 107 -3.35 30.11 12.85
CA THR B 107 -4.54 29.35 12.48
C THR B 107 -4.39 28.84 11.05
N VAL B 108 -4.86 27.61 10.80
CA VAL B 108 -4.79 26.98 9.50
C VAL B 108 -6.19 26.94 8.92
N LEU B 109 -6.36 27.45 7.69
CA LEU B 109 -7.64 27.51 7.01
C LEU B 109 -7.63 26.67 5.74
N ASP B 110 -8.61 25.78 5.58
CA ASP B 110 -8.86 25.11 4.31
C ASP B 110 -9.45 26.11 3.32
N VAL B 111 -8.63 26.65 2.44
CA VAL B 111 -9.09 27.53 1.38
C VAL B 111 -9.11 26.81 0.03
N GLY B 112 -9.05 25.49 0.03
CA GLY B 112 -8.94 24.75 -1.21
C GLY B 112 -10.11 24.98 -2.15
N ASP B 113 -11.30 25.26 -1.60
CA ASP B 113 -12.47 25.42 -2.44
C ASP B 113 -12.33 26.58 -3.42
N ALA B 114 -11.57 27.61 -3.05
CA ALA B 114 -11.37 28.75 -3.95
C ALA B 114 -10.72 28.33 -5.27
N TYR B 115 -9.95 27.25 -5.27
CA TYR B 115 -9.27 26.85 -6.50
C TYR B 115 -10.24 26.47 -7.59
N PHE B 116 -11.42 25.96 -7.23
CA PHE B 116 -12.40 25.45 -8.20
C PHE B 116 -12.95 26.53 -9.13
N SER B 117 -12.62 27.81 -8.89
CA SER B 117 -13.11 28.89 -9.74
C SER B 117 -12.22 29.18 -10.93
N VAL B 118 -11.07 28.53 -11.02
CA VAL B 118 -10.11 28.78 -12.10
C VAL B 118 -10.11 27.56 -13.01
N PRO B 119 -10.36 27.72 -14.31
CA PRO B 119 -10.32 26.56 -15.21
C PRO B 119 -8.92 26.01 -15.28
N LEU B 120 -8.81 24.72 -15.50
CA LEU B 120 -7.54 24.04 -15.66
C LEU B 120 -7.22 23.93 -17.13
N ASP B 121 -5.95 24.14 -17.48
CA ASP B 121 -5.49 24.05 -18.86
C ASP B 121 -6.04 22.81 -19.54
N GLU B 122 -6.69 23.03 -20.68
CA GLU B 122 -7.40 21.98 -21.37
C GLU B 122 -6.50 20.80 -21.73
N ASP B 123 -5.24 21.05 -22.05
CA ASP B 123 -4.33 19.98 -22.45
C ASP B 123 -3.79 19.18 -21.28
N PHE B 124 -3.87 19.71 -20.05
CA PHE B 124 -3.36 19.03 -18.88
C PHE B 124 -4.42 18.20 -18.15
N ARG B 125 -5.70 18.42 -18.44
CA ARG B 125 -6.77 17.82 -17.64
C ARG B 125 -6.66 16.30 -17.58
N LYS B 126 -6.36 15.65 -18.71
CA LYS B 126 -6.30 14.20 -18.76
C LYS B 126 -5.41 13.60 -17.68
N TYR B 127 -4.41 14.33 -17.22
CA TYR B 127 -3.47 13.83 -16.23
C TYR B 127 -4.05 13.81 -14.81
N THR B 128 -5.19 14.46 -14.59
CA THR B 128 -5.88 14.46 -13.31
C THR B 128 -6.92 13.35 -13.20
N ALA B 129 -6.89 12.36 -14.08
CA ALA B 129 -7.91 11.31 -14.07
C ALA B 129 -7.92 10.54 -12.75
N PHE B 130 -9.11 10.15 -12.31
CA PHE B 130 -9.28 9.31 -11.12
C PHE B 130 -10.53 8.44 -11.29
N THR B 131 -10.62 7.42 -10.44
CA THR B 131 -11.63 6.38 -10.57
C THR B 131 -12.35 6.22 -9.23
N ILE B 132 -13.67 6.24 -9.22
CA ILE B 132 -14.44 5.78 -8.07
C ILE B 132 -14.67 4.27 -8.26
N PRO B 133 -14.08 3.42 -7.45
CA PRO B 133 -14.28 1.98 -7.63
C PRO B 133 -15.64 1.54 -7.11
N SER B 134 -16.04 0.35 -7.50
CA SER B 134 -17.24 -0.27 -6.94
C SER B 134 -16.86 -1.49 -6.12
N ILE B 135 -17.66 -1.75 -5.08
CA ILE B 135 -17.45 -2.93 -4.25
C ILE B 135 -17.42 -4.19 -5.11
N ASN B 136 -16.40 -5.02 -4.89
CA ASN B 136 -16.23 -6.31 -5.56
C ASN B 136 -16.11 -6.15 -7.07
N ASN B 137 -15.85 -4.93 -7.56
CA ASN B 137 -15.67 -4.67 -8.98
C ASN B 137 -16.87 -5.15 -9.78
N GLU B 138 -18.06 -5.05 -9.17
CA GLU B 138 -19.26 -5.58 -9.81
C GLU B 138 -19.75 -4.70 -10.96
N THR B 139 -19.44 -3.40 -10.92
CA THR B 139 -19.75 -2.46 -12.00
C THR B 139 -18.48 -1.70 -12.36
N PRO B 140 -18.37 -1.19 -13.58
CA PRO B 140 -17.16 -0.46 -13.96
C PRO B 140 -16.96 0.73 -13.04
N GLY B 141 -15.72 0.96 -12.64
CA GLY B 141 -15.42 2.16 -11.86
C GLY B 141 -15.76 3.42 -12.64
N ILE B 142 -16.14 4.48 -11.92
CA ILE B 142 -16.57 5.72 -12.55
C ILE B 142 -15.34 6.60 -12.76
N ARG B 143 -15.08 6.94 -14.02
CA ARG B 143 -13.89 7.68 -14.41
C ARG B 143 -14.18 9.17 -14.63
N TYR B 144 -13.40 10.01 -13.95
CA TYR B 144 -13.52 11.47 -14.08
C TYR B 144 -12.17 12.10 -14.35
N GLN B 145 -12.20 13.34 -14.82
CA GLN B 145 -11.03 14.22 -14.77
C GLN B 145 -11.50 15.61 -14.41
N TYR B 146 -10.55 16.42 -13.93
CA TYR B 146 -10.82 17.77 -13.46
C TYR B 146 -10.87 18.75 -14.63
N ASN B 147 -11.79 19.71 -14.55
CA ASN B 147 -11.83 20.85 -15.49
C ASN B 147 -11.26 22.11 -14.88
N VAL B 148 -11.04 22.13 -13.58
CA VAL B 148 -10.59 23.27 -12.80
C VAL B 148 -9.43 22.82 -11.93
N LEU B 149 -8.74 23.78 -11.32
CA LEU B 149 -7.59 23.48 -10.47
C LEU B 149 -8.01 22.51 -9.36
N PRO B 150 -7.41 21.32 -9.28
CA PRO B 150 -7.77 20.37 -8.22
C PRO B 150 -7.12 20.70 -6.89
N GLN B 151 -7.84 20.37 -5.81
CA GLN B 151 -7.25 20.43 -4.48
C GLN B 151 -6.16 19.37 -4.36
N GLY B 152 -5.03 19.75 -3.79
CA GLY B 152 -3.96 18.81 -3.50
C GLY B 152 -2.90 18.71 -4.57
N TRP B 153 -3.11 19.33 -5.74
CA TRP B 153 -2.10 19.39 -6.78
C TRP B 153 -1.21 20.60 -6.54
N LYS B 154 0.10 20.44 -6.74
CA LYS B 154 1.01 21.53 -6.37
C LYS B 154 0.80 22.75 -7.27
N GLY B 155 0.33 22.54 -8.51
CA GLY B 155 0.09 23.65 -9.41
C GLY B 155 -1.06 24.56 -9.01
N SER B 156 -1.99 24.05 -8.20
CA SER B 156 -3.15 24.87 -7.86
C SER B 156 -2.79 26.12 -7.08
N PRO B 157 -2.05 26.05 -5.95
CA PRO B 157 -1.67 27.31 -5.28
C PRO B 157 -0.77 28.18 -6.13
N ALA B 158 0.09 27.55 -6.94
CA ALA B 158 0.98 28.29 -7.83
C ALA B 158 0.20 29.07 -8.88
N ILE B 159 -0.80 28.45 -9.51
CA ILE B 159 -1.56 29.15 -10.54
C ILE B 159 -2.53 30.15 -9.91
N PHE B 160 -3.10 29.81 -8.75
CA PHE B 160 -4.04 30.70 -8.09
C PHE B 160 -3.35 31.84 -7.33
N GLN B 161 -2.02 31.84 -7.26
CA GLN B 161 -1.28 32.74 -6.37
C GLN B 161 -1.59 34.21 -6.67
N SER B 162 -1.65 34.57 -7.95
CA SER B 162 -1.96 35.96 -8.30
C SER B 162 -3.34 36.37 -7.79
N SER B 163 -4.33 35.49 -7.93
CA SER B 163 -5.67 35.81 -7.45
C SER B 163 -5.70 35.89 -5.92
N MET B 164 -4.86 35.12 -5.23
CA MET B 164 -4.90 35.11 -3.77
C MET B 164 -4.36 36.41 -3.21
N THR B 165 -3.23 36.88 -3.74
CA THR B 165 -2.66 38.16 -3.31
C THR B 165 -3.70 39.27 -3.40
N LYS B 166 -4.46 39.31 -4.48
CA LYS B 166 -5.44 40.38 -4.68
C LYS B 166 -6.60 40.28 -3.69
N ILE B 167 -7.05 39.06 -3.36
CA ILE B 167 -8.18 38.96 -2.43
C ILE B 167 -7.77 39.38 -1.04
N LEU B 168 -6.50 39.17 -0.68
CA LEU B 168 -6.02 39.48 0.66
C LEU B 168 -5.44 40.88 0.78
N GLU B 169 -5.40 41.64 -0.33
CA GLU B 169 -4.84 42.99 -0.28
C GLU B 169 -5.45 43.85 0.81
N PRO B 170 -6.78 44.00 0.92
CA PRO B 170 -7.32 44.87 1.98
C PRO B 170 -6.97 44.38 3.38
N PHE B 171 -7.06 43.07 3.63
CA PHE B 171 -6.79 42.55 4.97
C PHE B 171 -5.32 42.70 5.35
N LYS B 172 -4.42 42.58 4.37
CA LYS B 172 -3.00 42.80 4.64
C LYS B 172 -2.72 44.26 4.99
N LYS B 173 -3.28 45.17 4.19
CA LYS B 173 -3.11 46.61 4.42
C LYS B 173 -3.58 47.02 5.81
N GLN B 174 -4.71 46.44 6.27
CA GLN B 174 -5.33 46.85 7.52
C GLN B 174 -4.77 46.14 8.75
N ASN B 175 -4.14 44.98 8.57
CA ASN B 175 -3.54 44.22 9.68
C ASN B 175 -2.12 43.85 9.29
N PRO B 176 -1.22 44.82 9.24
CA PRO B 176 0.08 44.59 8.60
C PRO B 176 1.02 43.71 9.39
N ASP B 177 0.78 43.49 10.69
CA ASP B 177 1.63 42.63 11.51
C ASP B 177 1.35 41.15 11.29
N ILE B 178 0.28 40.82 10.59
CA ILE B 178 -0.14 39.44 10.38
C ILE B 178 0.75 38.80 9.31
N VAL B 179 1.18 37.57 9.58
CA VAL B 179 1.94 36.77 8.62
C VAL B 179 1.00 35.73 8.02
N ILE B 180 0.89 35.74 6.69
CA ILE B 180 -0.03 34.87 5.95
C ILE B 180 0.80 34.03 4.99
N TYR B 181 0.73 32.71 5.12
CA TYR B 181 1.48 31.78 4.29
C TYR B 181 0.57 30.69 3.74
N GLN B 182 0.75 30.40 2.45
CA GLN B 182 -0.07 29.45 1.73
C GLN B 182 0.78 28.23 1.41
N TYR B 183 0.29 27.06 1.77
CA TYR B 183 0.91 25.80 1.37
C TYR B 183 -0.19 24.87 0.91
N MET B 184 -0.16 24.49 -0.37
CA MET B 184 -1.20 23.62 -0.96
C MET B 184 -2.58 24.21 -0.66
N ASP B 185 -3.48 23.43 -0.06
CA ASP B 185 -4.85 23.91 0.16
C ASP B 185 -5.00 24.70 1.45
N ASP B 186 -3.94 24.87 2.23
CA ASP B 186 -4.01 25.49 3.54
C ASP B 186 -3.55 26.94 3.49
N LEU B 187 -4.14 27.75 4.37
CA LEU B 187 -3.67 29.10 4.63
C LEU B 187 -3.28 29.19 6.10
N TYR B 188 -2.02 29.55 6.36
CA TYR B 188 -1.51 29.72 7.71
C TYR B 188 -1.49 31.21 8.03
N VAL B 189 -2.16 31.59 9.12
CA VAL B 189 -2.33 33.00 9.48
C VAL B 189 -1.87 33.16 10.92
N GLY B 190 -0.77 33.89 11.11
CA GLY B 190 -0.13 34.02 12.42
C GLY B 190 -0.23 35.44 12.95
N SER B 191 -0.55 35.56 14.25
CA SER B 191 -0.69 36.84 14.94
C SER B 191 -0.11 36.74 16.34
N ASP B 192 0.02 37.88 17.01
CA ASP B 192 0.50 37.95 18.38
C ASP B 192 -0.60 38.38 19.36
N LEU B 193 -1.85 38.35 18.94
CA LEU B 193 -3.00 38.82 19.68
C LEU B 193 -3.47 37.78 20.69
N GLU B 194 -4.41 38.16 21.54
CA GLU B 194 -5.00 37.18 22.43
C GLU B 194 -6.11 36.44 21.70
N ILE B 195 -6.39 35.22 22.14
CA ILE B 195 -7.09 34.22 21.32
C ILE B 195 -8.42 34.78 20.79
N GLY B 196 -9.14 35.55 21.60
CA GLY B 196 -10.41 36.10 21.13
C GLY B 196 -10.23 37.16 20.07
N GLN B 197 -9.28 38.08 20.28
CA GLN B 197 -8.83 38.99 19.23
C GLN B 197 -8.52 38.20 17.97
N HIS B 198 -7.66 37.18 18.12
CA HIS B 198 -7.22 36.35 17.02
C HIS B 198 -8.40 35.70 16.30
N ARG B 199 -9.24 34.96 17.04
CA ARG B 199 -10.39 34.28 16.43
C ARG B 199 -11.27 35.24 15.65
N THR B 200 -11.35 36.50 16.07
CA THR B 200 -12.18 37.49 15.39
C THR B 200 -11.51 38.03 14.14
N LYS B 201 -10.18 38.21 14.15
CA LYS B 201 -9.47 38.56 12.93
C LYS B 201 -9.52 37.40 11.93
N ILE B 202 -9.44 36.17 12.43
CA ILE B 202 -9.63 35.00 11.58
C ILE B 202 -11.00 35.05 10.90
N GLU B 203 -12.05 35.27 11.70
CA GLU B 203 -13.39 35.38 11.13
C GLU B 203 -13.48 36.57 10.19
N GLU B 204 -12.80 37.67 10.53
CA GLU B 204 -12.65 38.76 9.58
C GLU B 204 -12.11 38.25 8.24
N LEU B 205 -11.05 37.46 8.31
CA LEU B 205 -10.40 36.97 7.10
C LEU B 205 -11.36 36.12 6.27
N ARG B 206 -12.11 35.24 6.93
CA ARG B 206 -13.10 34.43 6.23
C ARG B 206 -14.01 35.29 5.38
N GLN B 207 -14.48 36.41 5.93
CA GLN B 207 -15.40 37.31 5.25
C GLN B 207 -14.91 37.67 3.85
N HIS B 208 -13.63 38.02 3.73
CA HIS B 208 -13.07 38.41 2.43
C HIS B 208 -13.25 37.31 1.38
N LEU B 209 -13.20 36.05 1.80
CA LEU B 209 -13.29 34.94 0.85
C LEU B 209 -14.74 34.54 0.54
N LEU B 210 -15.64 34.61 1.52
CA LEU B 210 -17.06 34.55 1.18
C LEU B 210 -17.42 35.72 0.27
N ARG B 211 -16.94 36.92 0.61
CA ARG B 211 -17.18 38.10 -0.22
C ARG B 211 -16.73 37.88 -1.65
N TRP B 212 -15.46 37.53 -1.83
CA TRP B 212 -14.94 37.32 -3.17
C TRP B 212 -15.69 36.20 -3.89
N GLY B 213 -16.04 35.13 -3.17
CA GLY B 213 -16.69 33.99 -3.82
C GLY B 213 -18.04 34.35 -4.41
N LEU B 214 -18.83 35.14 -3.70
CA LEU B 214 -20.12 35.62 -4.21
C LEU B 214 -19.91 36.70 -5.27
N GLU B 224 -20.92 27.67 -1.98
CA GLU B 224 -20.37 28.13 -0.71
C GLU B 224 -19.39 27.11 -0.14
N PRO B 225 -18.22 27.58 0.32
CA PRO B 225 -17.13 26.66 0.69
C PRO B 225 -17.51 25.77 1.87
N PRO B 226 -17.42 24.45 1.71
CA PRO B 226 -17.94 23.55 2.74
C PRO B 226 -17.10 23.52 4.01
N PHE B 227 -15.77 23.70 3.89
CA PHE B 227 -14.87 23.59 5.03
C PHE B 227 -14.07 24.87 5.28
N LEU B 228 -14.55 26.02 4.80
CA LEU B 228 -13.87 27.28 5.07
C LEU B 228 -14.10 27.77 6.50
N TRP B 229 -15.20 27.35 7.14
CA TRP B 229 -15.54 27.85 8.46
C TRP B 229 -14.59 27.36 9.56
N MET B 230 -13.90 26.24 9.35
CA MET B 230 -13.15 25.64 10.44
C MET B 230 -11.76 26.26 10.60
N GLY B 231 -11.21 26.11 11.81
CA GLY B 231 -9.92 26.69 12.14
C GLY B 231 -9.11 25.85 13.11
N TYR B 232 -7.92 25.44 12.68
CA TYR B 232 -7.00 24.61 13.45
C TYR B 232 -5.99 25.54 14.12
N GLU B 233 -6.03 25.61 15.45
CA GLU B 233 -5.28 26.62 16.20
C GLU B 233 -3.95 26.05 16.67
N LEU B 234 -2.84 26.65 16.21
CA LEU B 234 -1.49 26.30 16.58
C LEU B 234 -0.86 27.42 17.41
N HIS B 235 0.16 27.06 18.18
CA HIS B 235 0.90 28.01 19.01
C HIS B 235 2.38 27.71 18.89
N PRO B 236 3.01 28.13 17.80
CA PRO B 236 4.41 27.75 17.57
C PRO B 236 5.39 28.34 18.58
N ASP B 237 5.05 29.47 19.21
CA ASP B 237 5.95 30.02 20.22
C ASP B 237 6.05 29.13 21.46
N LYS B 238 5.02 28.32 21.72
CA LYS B 238 5.02 27.35 22.81
C LYS B 238 5.55 25.98 22.38
N TRP B 239 6.17 25.89 21.20
CA TRP B 239 6.71 24.61 20.74
C TRP B 239 7.95 24.25 21.54
N THR B 240 7.91 23.11 22.20
CA THR B 240 8.99 22.67 23.05
C THR B 240 9.95 21.77 22.28
N VAL B 241 11.20 21.78 22.69
CA VAL B 241 12.28 21.08 22.00
C VAL B 241 12.88 20.04 22.94
N GLN B 242 14.03 19.49 22.56
CA GLN B 242 14.69 18.46 23.36
C GLN B 242 16.20 18.62 23.23
N PRO B 243 16.86 19.21 24.23
CA PRO B 243 18.31 19.04 24.41
C PRO B 243 18.62 17.73 25.10
N ILE B 244 19.91 17.37 25.10
CA ILE B 244 20.33 16.11 25.71
C ILE B 244 20.65 16.35 27.18
N VAL B 245 19.99 15.61 28.07
CA VAL B 245 20.20 15.77 29.51
C VAL B 245 20.67 14.44 30.09
N LEU B 246 21.46 14.52 31.11
CA LEU B 246 21.96 13.33 31.80
C LEU B 246 21.29 13.21 33.18
N PRO B 247 21.13 11.99 33.70
CA PRO B 247 20.49 11.84 35.02
C PRO B 247 21.32 12.54 36.10
N GLU B 248 20.63 12.92 37.18
CA GLU B 248 21.29 13.49 38.37
C GLU B 248 20.94 12.50 39.49
N LYS B 249 21.93 11.78 39.99
CA LYS B 249 21.71 10.74 40.98
C LYS B 249 22.66 10.90 42.15
N ASP B 250 22.25 10.37 43.29
CA ASP B 250 23.11 10.28 44.46
C ASP B 250 23.78 8.90 44.58
N SER B 251 23.11 7.84 44.14
CA SER B 251 23.68 6.49 44.09
C SER B 251 23.61 6.02 42.65
N TRP B 252 24.75 5.62 42.11
CA TRP B 252 24.81 5.08 40.76
C TRP B 252 25.08 3.58 40.86
N THR B 253 24.23 2.77 40.25
CA THR B 253 24.56 1.36 40.15
C THR B 253 25.44 1.14 38.94
N VAL B 254 26.00 -0.07 38.84
CA VAL B 254 26.71 -0.48 37.64
C VAL B 254 25.84 -0.28 36.41
N ASN B 255 24.58 -0.73 36.48
CA ASN B 255 23.66 -0.56 35.36
C ASN B 255 23.48 0.92 35.01
N ASP B 256 23.25 1.77 36.02
CA ASP B 256 23.14 3.21 35.78
C ASP B 256 24.35 3.75 35.04
N ILE B 257 25.55 3.34 35.44
CA ILE B 257 26.75 3.89 34.81
C ILE B 257 26.92 3.36 33.40
N GLN B 258 26.58 2.10 33.16
CA GLN B 258 26.65 1.58 31.79
C GLN B 258 25.70 2.36 30.87
N LYS B 259 24.48 2.64 31.33
CA LYS B 259 23.52 3.36 30.50
C LYS B 259 24.02 4.77 30.21
N LEU B 260 24.67 5.39 31.21
CA LEU B 260 25.25 6.72 31.05
C LEU B 260 26.36 6.71 30.01
N VAL B 261 27.31 5.77 30.13
CA VAL B 261 28.39 5.70 29.14
C VAL B 261 27.83 5.41 27.74
N GLY B 262 26.83 4.54 27.66
CA GLY B 262 26.19 4.29 26.35
C GLY B 262 25.61 5.56 25.76
N LYS B 263 24.82 6.28 26.54
CA LYS B 263 24.24 7.53 26.08
C LYS B 263 25.33 8.55 25.73
N LEU B 264 26.37 8.67 26.56
CA LEU B 264 27.44 9.63 26.25
C LEU B 264 28.20 9.23 24.98
N ASN B 265 28.49 7.94 24.81
CA ASN B 265 29.09 7.47 23.56
C ASN B 265 28.26 7.89 22.36
N TRP B 266 26.93 7.79 22.49
CA TRP B 266 26.05 8.21 21.41
C TRP B 266 26.14 9.70 21.20
N ALA B 267 26.07 10.48 22.30
CA ALA B 267 26.16 11.93 22.19
C ALA B 267 27.46 12.38 21.56
N SER B 268 28.56 11.64 21.77
CA SER B 268 29.85 12.05 21.23
C SER B 268 29.86 12.08 19.70
N GLN B 269 28.93 11.37 19.03
CA GLN B 269 28.80 11.51 17.59
C GLN B 269 28.18 12.83 17.20
N ILE B 270 27.55 13.50 18.15
CA ILE B 270 26.92 14.79 17.90
C ILE B 270 27.79 15.93 18.41
N TYR B 271 28.38 15.77 19.60
CA TYR B 271 29.17 16.80 20.27
C TYR B 271 30.63 16.39 20.32
N PRO B 272 31.54 17.22 19.84
CA PRO B 272 32.93 16.78 19.65
C PRO B 272 33.59 16.29 20.93
N GLY B 273 33.59 17.09 21.99
CA GLY B 273 34.45 16.82 23.12
C GLY B 273 33.86 16.00 24.25
N ILE B 274 32.83 15.20 24.00
CA ILE B 274 32.32 14.31 25.04
C ILE B 274 33.35 13.23 25.34
N LYS B 275 33.67 13.04 26.62
CA LYS B 275 34.62 12.04 27.08
C LYS B 275 33.95 11.05 28.01
N VAL B 276 34.31 9.77 27.90
CA VAL B 276 33.79 8.70 28.75
C VAL B 276 34.90 7.93 29.45
N ARG B 277 36.17 8.28 29.24
CA ARG B 277 37.22 7.37 29.72
C ARG B 277 37.23 7.27 31.23
N GLN B 278 37.06 8.39 31.94
CA GLN B 278 37.01 8.34 33.40
C GLN B 278 35.82 7.51 33.89
N LEU B 279 34.65 7.67 33.26
CA LEU B 279 33.48 6.94 33.70
C LEU B 279 33.62 5.45 33.39
N SER B 280 34.21 5.12 32.25
CA SER B 280 34.40 3.72 31.89
C SER B 280 35.35 3.02 32.85
N LYS B 281 36.29 3.78 33.41
CA LYS B 281 37.11 3.23 34.49
C LYS B 281 36.25 2.72 35.63
N LEU B 282 35.14 3.42 35.93
CA LEU B 282 34.36 3.04 37.10
C LEU B 282 33.78 1.64 36.96
N LEU B 283 33.77 1.11 35.76
CA LEU B 283 33.25 -0.22 35.58
C LEU B 283 34.31 -1.29 35.83
N ARG B 284 35.57 -0.88 35.84
CA ARG B 284 36.64 -1.85 36.20
C ARG B 284 36.09 -2.81 37.23
N GLY B 285 36.30 -4.09 37.01
CA GLY B 285 35.75 -5.18 37.80
C GLY B 285 34.51 -5.74 37.16
N THR B 286 34.02 -6.81 37.76
CA THR B 286 32.93 -7.57 37.18
C THR B 286 31.75 -7.53 38.15
N LYS B 287 31.24 -6.36 38.47
CA LYS B 287 30.33 -6.30 39.61
C LYS B 287 28.90 -6.63 39.19
N ALA B 288 28.09 -7.03 40.17
CA ALA B 288 26.66 -7.20 39.99
C ALA B 288 26.04 -5.93 39.41
N LEU B 289 25.07 -6.11 38.50
CA LEU B 289 24.45 -4.97 37.81
C LEU B 289 23.79 -4.01 38.77
N THR B 290 23.23 -4.50 39.87
CA THR B 290 22.53 -3.64 40.81
C THR B 290 23.42 -3.11 41.95
N GLU B 291 24.73 -3.35 41.89
CA GLU B 291 25.62 -2.86 42.94
C GLU B 291 25.89 -1.38 42.77
N VAL B 292 25.87 -0.66 43.89
CA VAL B 292 26.14 0.78 43.88
C VAL B 292 27.65 1.00 43.81
N ILE B 293 28.07 1.87 42.89
CA ILE B 293 29.47 2.24 42.69
C ILE B 293 29.61 3.71 43.07
N PRO B 294 30.48 4.05 44.02
CA PRO B 294 30.73 5.47 44.28
C PRO B 294 31.50 6.10 43.13
N LEU B 295 31.13 7.32 42.75
CA LEU B 295 31.91 8.01 41.74
C LEU B 295 33.20 8.55 42.32
N THR B 296 34.28 8.37 41.57
CA THR B 296 35.55 9.03 41.85
C THR B 296 35.50 10.50 41.48
N GLU B 297 36.38 11.29 42.08
CA GLU B 297 36.47 12.71 41.74
C GLU B 297 36.67 12.91 40.25
N GLU B 298 37.53 12.09 39.65
CA GLU B 298 37.84 12.21 38.23
C GLU B 298 36.61 11.95 37.38
N ALA B 299 35.84 10.92 37.75
CA ALA B 299 34.58 10.63 37.05
C ALA B 299 33.60 11.77 37.21
N GLU B 300 33.42 12.27 38.44
CA GLU B 300 32.51 13.39 38.70
C GLU B 300 32.86 14.59 37.81
N LEU B 301 34.16 14.83 37.63
CA LEU B 301 34.60 15.96 36.83
C LEU B 301 34.31 15.74 35.35
N GLU B 302 34.65 14.56 34.83
CA GLU B 302 34.28 14.24 33.45
C GLU B 302 32.78 14.41 33.25
N LEU B 303 31.98 13.93 34.20
CA LEU B 303 30.53 14.02 34.09
C LEU B 303 30.07 15.48 34.05
N ALA B 304 30.66 16.31 34.91
CA ALA B 304 30.29 17.72 34.94
C ALA B 304 30.67 18.43 33.65
N GLU B 305 31.85 18.11 33.11
CA GLU B 305 32.24 18.74 31.87
C GLU B 305 31.37 18.26 30.71
N ASN B 306 30.98 17.00 30.71
CA ASN B 306 30.03 16.56 29.69
C ASN B 306 28.72 17.32 29.80
N ARG B 307 28.23 17.52 31.03
CA ARG B 307 27.00 18.28 31.23
C ARG B 307 27.11 19.67 30.60
N GLU B 308 28.26 20.33 30.80
CA GLU B 308 28.44 21.67 30.25
C GLU B 308 28.39 21.68 28.73
N ILE B 309 29.15 20.79 28.09
CA ILE B 309 29.11 20.64 26.64
C ILE B 309 27.69 20.50 26.12
N LEU B 310 26.87 19.71 26.81
CA LEU B 310 25.54 19.39 26.31
C LEU B 310 24.58 20.58 26.40
N LYS B 311 24.97 21.65 27.07
CA LYS B 311 24.09 22.78 27.23
C LYS B 311 24.20 23.77 26.08
N GLU B 312 25.10 23.53 25.14
CA GLU B 312 25.31 24.41 24.02
C GLU B 312 24.73 23.83 22.74
N PRO B 313 24.46 24.67 21.74
CA PRO B 313 23.90 24.15 20.48
C PRO B 313 24.90 23.27 19.77
N VAL B 314 24.38 22.44 18.88
CA VAL B 314 25.23 21.60 18.05
C VAL B 314 25.91 22.45 16.99
N HIS B 315 27.16 22.10 16.68
CA HIS B 315 28.02 22.90 15.84
CA HIS B 315 28.01 22.92 15.84
C HIS B 315 27.78 22.59 14.36
N GLY B 316 27.79 23.63 13.53
CA GLY B 316 27.63 23.47 12.09
C GLY B 316 26.32 22.84 11.68
N VAL B 317 25.22 23.33 12.23
CA VAL B 317 23.90 22.87 11.85
C VAL B 317 23.21 24.00 11.10
N TYR B 318 22.83 23.74 9.87
CA TYR B 318 22.16 24.73 9.03
C TYR B 318 21.20 23.99 8.12
N TYR B 319 20.07 24.63 7.82
CA TYR B 319 19.12 24.10 6.85
C TYR B 319 19.60 24.35 5.43
N ASP B 320 19.54 23.33 4.59
CA ASP B 320 19.90 23.47 3.19
C ASP B 320 18.68 23.20 2.31
N PRO B 321 18.08 24.23 1.69
CA PRO B 321 16.83 24.02 0.96
C PRO B 321 16.98 23.15 -0.28
N SER B 322 18.20 22.87 -0.72
CA SER B 322 18.33 21.95 -1.84
C SER B 322 18.31 20.48 -1.43
N LYS B 323 18.07 20.17 -0.16
CA LYS B 323 18.07 18.79 0.31
C LYS B 323 16.74 18.45 0.97
N ASP B 324 16.38 17.17 0.93
CA ASP B 324 15.17 16.71 1.59
C ASP B 324 15.30 16.79 3.11
N LEU B 325 14.16 16.96 3.77
CA LEU B 325 14.08 16.79 5.22
C LEU B 325 13.67 15.36 5.54
N ILE B 326 14.33 14.78 6.52
CA ILE B 326 14.01 13.43 6.94
C ILE B 326 13.50 13.50 8.37
N ALA B 327 12.40 12.79 8.65
CA ALA B 327 11.85 12.72 10.00
C ALA B 327 11.87 11.28 10.47
N GLU B 328 12.47 11.04 11.63
CA GLU B 328 12.45 9.74 12.29
C GLU B 328 11.57 9.83 13.53
N ILE B 329 10.84 8.75 13.82
CA ILE B 329 9.91 8.69 14.95
C ILE B 329 10.20 7.41 15.76
N GLN B 330 10.18 7.52 17.09
CA GLN B 330 10.30 6.34 17.96
C GLN B 330 9.09 6.25 18.87
N LYS B 331 8.52 5.04 18.94
CA LYS B 331 7.49 4.73 19.91
C LYS B 331 8.13 4.55 21.28
N GLN B 332 7.74 5.38 22.25
CA GLN B 332 8.35 5.27 23.57
C GLN B 332 7.46 4.58 24.60
N GLY B 333 6.21 4.30 24.26
CA GLY B 333 5.36 3.60 25.20
C GLY B 333 4.45 4.55 25.96
N GLN B 334 3.29 4.02 26.38
CA GLN B 334 2.28 4.77 27.12
C GLN B 334 1.89 6.05 26.39
N GLY B 335 1.68 5.93 25.08
CA GLY B 335 1.21 7.02 24.27
C GLY B 335 2.23 8.11 24.01
N GLN B 336 3.50 7.86 24.25
CA GLN B 336 4.52 8.88 24.04
C GLN B 336 5.35 8.57 22.81
N TRP B 337 5.67 9.61 22.04
CA TRP B 337 6.43 9.44 20.80
C TRP B 337 7.54 10.49 20.75
N THR B 338 8.73 10.11 20.29
CA THR B 338 9.81 11.07 20.06
C THR B 338 10.12 11.13 18.57
N TYR B 339 10.61 12.29 18.12
CA TYR B 339 10.92 12.44 16.69
C TYR B 339 12.05 13.45 16.53
N GLN B 340 12.80 13.28 15.43
CA GLN B 340 13.88 14.17 15.04
C GLN B 340 13.72 14.48 13.56
N ILE B 341 14.02 15.71 13.17
CA ILE B 341 14.04 16.16 11.78
C ILE B 341 15.45 16.62 11.43
N TYR B 342 16.01 16.09 10.35
CA TYR B 342 17.38 16.37 9.98
C TYR B 342 17.53 16.20 8.47
N GLN B 343 18.67 16.66 7.95
CA GLN B 343 19.05 16.39 6.58
C GLN B 343 20.32 15.56 6.49
N GLU B 344 21.24 15.75 7.43
CA GLU B 344 22.45 14.97 7.58
C GLU B 344 22.41 14.29 8.94
N PRO B 345 22.91 13.06 9.04
CA PRO B 345 22.94 12.37 10.33
C PRO B 345 23.64 13.19 11.40
N PHE B 346 23.05 13.20 12.60
CA PHE B 346 23.59 13.85 13.80
C PHE B 346 23.54 15.37 13.75
N LYS B 347 22.89 15.95 12.73
CA LYS B 347 22.71 17.39 12.65
C LYS B 347 21.21 17.67 12.70
N ASN B 348 20.61 17.48 13.86
CA ASN B 348 19.17 17.59 13.98
C ASN B 348 18.76 19.05 13.82
N LEU B 349 17.76 19.30 12.96
CA LEU B 349 17.20 20.64 12.82
C LEU B 349 16.06 20.89 13.79
N LYS B 350 15.37 19.84 14.22
CA LYS B 350 14.32 19.94 15.22
C LYS B 350 14.14 18.57 15.83
N THR B 351 13.96 18.53 17.16
CA THR B 351 13.54 17.32 17.85
C THR B 351 12.34 17.64 18.71
N GLY B 352 11.60 16.61 19.09
CA GLY B 352 10.41 16.88 19.87
C GLY B 352 9.89 15.60 20.47
N LYS B 353 8.78 15.75 21.21
CA LYS B 353 8.14 14.62 21.87
C LYS B 353 6.65 14.86 21.98
N TYR B 354 5.86 13.80 21.83
CA TYR B 354 4.40 13.84 21.95
C TYR B 354 3.90 12.80 22.94
N ALA B 355 2.70 13.07 23.50
CA ALA B 355 2.04 12.20 24.47
C ALA B 355 0.53 12.41 24.48
N ARG B 356 0.08 13.47 23.81
CA ARG B 356 -1.29 13.98 23.87
C ARG B 356 -2.27 13.15 23.03
N MET B 357 -1.83 12.02 22.48
CA MET B 357 -2.49 11.45 21.32
C MET B 357 -3.97 11.09 21.56
N ARG B 358 -4.81 11.96 21.00
CA ARG B 358 -6.26 11.90 21.26
C ARG B 358 -6.96 10.62 20.85
N GLY B 359 -7.94 10.24 21.63
CA GLY B 359 -8.78 9.08 21.42
C GLY B 359 -8.09 7.92 20.75
N ALA B 360 -6.87 7.62 21.17
CA ALA B 360 -6.09 6.56 20.55
C ALA B 360 -5.35 5.74 21.58
N HIS B 361 -5.87 5.70 22.81
CA HIS B 361 -5.15 5.10 23.94
C HIS B 361 -4.93 3.61 23.78
N THR B 362 -5.70 2.95 22.92
CA THR B 362 -5.48 1.54 22.60
C THR B 362 -5.14 1.31 21.12
N ASN B 363 -4.80 2.37 20.38
CA ASN B 363 -4.52 2.26 18.95
C ASN B 363 -3.20 2.96 18.60
N ASP B 364 -2.13 2.16 18.56
CA ASP B 364 -0.79 2.61 18.15
C ASP B 364 -0.79 3.31 16.81
N VAL B 365 -1.53 2.76 15.85
CA VAL B 365 -1.43 3.20 14.47
C VAL B 365 -2.11 4.55 14.30
N LYS B 366 -3.27 4.72 14.93
CA LYS B 366 -3.89 6.04 15.01
C LYS B 366 -2.95 7.06 15.65
N GLN B 367 -2.25 6.66 16.72
CA GLN B 367 -1.34 7.60 17.37
C GLN B 367 -0.23 8.01 16.41
N LEU B 368 0.37 7.01 15.75
CA LEU B 368 1.45 7.29 14.81
C LEU B 368 0.96 8.16 13.66
N THR B 369 -0.25 7.90 13.17
CA THR B 369 -0.75 8.70 12.06
C THR B 369 -0.94 10.14 12.48
N GLU B 370 -1.37 10.36 13.70
CA GLU B 370 -1.54 11.74 14.22
C GLU B 370 -0.16 12.36 14.43
N ALA B 371 0.80 11.59 14.93
CA ALA B 371 2.15 12.14 15.06
C ALA B 371 2.65 12.62 13.70
N VAL B 372 2.48 11.80 12.66
CA VAL B 372 2.97 12.15 11.33
C VAL B 372 2.38 13.49 10.88
N GLN B 373 1.09 13.70 11.12
CA GLN B 373 0.42 14.92 10.67
C GLN B 373 0.90 16.14 11.44
N LYS B 374 1.11 16.00 12.74
CA LYS B 374 1.64 17.11 13.53
C LYS B 374 3.04 17.49 13.07
N ILE B 375 3.92 16.49 12.95
CA ILE B 375 5.28 16.75 12.49
C ILE B 375 5.27 17.41 11.11
N THR B 376 4.36 16.95 10.24
CA THR B 376 4.31 17.53 8.91
C THR B 376 3.88 19.00 8.97
N THR B 377 2.91 19.29 9.83
CA THR B 377 2.47 20.66 10.03
C THR B 377 3.62 21.51 10.54
N GLU B 378 4.37 21.01 11.54
CA GLU B 378 5.49 21.79 12.05
C GLU B 378 6.49 22.05 10.94
N SER B 379 6.73 21.04 10.10
N SER B 379 6.73 21.06 10.09
CA SER B 379 7.70 21.20 9.01
CA SER B 379 7.72 21.22 9.03
C SER B 379 7.26 22.28 8.03
C SER B 379 7.27 22.26 8.00
N ILE B 380 5.98 22.32 7.72
CA ILE B 380 5.46 23.31 6.77
C ILE B 380 5.69 24.71 7.33
N VAL B 381 5.33 24.91 8.59
CA VAL B 381 5.50 26.21 9.24
C VAL B 381 6.97 26.64 9.27
N ILE B 382 7.89 25.72 9.59
CA ILE B 382 9.28 26.14 9.76
C ILE B 382 9.99 26.28 8.41
N TRP B 383 9.86 25.29 7.52
CA TRP B 383 10.62 25.30 6.27
C TRP B 383 9.76 25.39 5.01
N GLY B 384 8.44 25.40 5.12
CA GLY B 384 7.64 25.40 3.91
C GLY B 384 7.73 24.14 3.08
N LYS B 385 8.09 23.00 3.67
CA LYS B 385 7.96 21.75 2.93
C LYS B 385 7.82 20.59 3.91
N THR B 386 7.48 19.40 3.37
CA THR B 386 7.14 18.21 4.14
C THR B 386 8.34 17.27 4.20
N PRO B 387 8.56 16.59 5.31
CA PRO B 387 9.70 15.67 5.41
C PRO B 387 9.34 14.30 4.84
N LYS B 388 10.38 13.50 4.62
CA LYS B 388 10.21 12.08 4.25
C LYS B 388 10.32 11.30 5.56
N PHE B 389 9.30 10.53 5.91
CA PHE B 389 9.25 9.87 7.20
C PHE B 389 9.87 8.49 7.14
N LYS B 390 10.53 8.12 8.22
CA LYS B 390 10.97 6.75 8.49
C LYS B 390 10.09 6.24 9.62
N LEU B 391 9.15 5.40 9.28
CA LEU B 391 8.05 4.98 10.17
C LEU B 391 8.39 3.67 10.84
N PRO B 392 8.32 3.59 12.19
CA PRO B 392 8.52 2.32 12.94
C PRO B 392 7.25 1.46 12.88
N ILE B 393 7.00 0.86 11.73
CA ILE B 393 5.77 0.09 11.50
C ILE B 393 5.99 -0.75 10.27
N GLN B 394 5.36 -1.93 10.23
CA GLN B 394 5.34 -2.78 9.05
C GLN B 394 4.50 -2.12 7.96
N LYS B 395 5.00 -2.18 6.72
CA LYS B 395 4.36 -1.54 5.58
C LYS B 395 2.89 -1.96 5.43
N GLU B 396 2.61 -3.25 5.59
CA GLU B 396 1.26 -3.73 5.38
C GLU B 396 0.30 -3.20 6.45
N THR B 397 0.76 -3.10 7.69
CA THR B 397 -0.08 -2.51 8.74
C THR B 397 -0.36 -1.03 8.45
N TRP B 398 0.67 -0.27 8.11
CA TRP B 398 0.46 1.16 7.83
C TRP B 398 -0.47 1.37 6.63
N GLU B 399 -0.18 0.68 5.53
CA GLU B 399 -0.94 0.90 4.30
C GLU B 399 -2.40 0.54 4.45
N THR B 400 -2.70 -0.42 5.33
CA THR B 400 -4.09 -0.84 5.54
C THR B 400 -4.87 0.19 6.34
N TRP B 401 -4.21 0.95 7.24
CA TRP B 401 -4.95 1.72 8.22
C TRP B 401 -4.79 3.24 8.16
N TRP B 402 -3.69 3.78 7.59
CA TRP B 402 -3.42 5.20 7.83
C TRP B 402 -4.53 6.08 7.28
N THR B 403 -5.13 5.68 6.16
CA THR B 403 -6.18 6.52 5.58
C THR B 403 -7.39 6.61 6.49
N GLU B 404 -7.53 5.71 7.47
CA GLU B 404 -8.69 5.84 8.36
C GLU B 404 -8.54 6.93 9.41
N TYR B 405 -7.32 7.46 9.62
CA TYR B 405 -7.13 8.48 10.63
C TYR B 405 -6.56 9.76 10.04
N TRP B 406 -6.49 9.86 8.73
CA TRP B 406 -5.91 11.04 8.10
C TRP B 406 -6.92 12.18 8.11
N GLN B 407 -6.49 13.36 8.55
CA GLN B 407 -7.36 14.52 8.52
C GLN B 407 -6.73 15.70 7.82
N ALA B 408 -5.56 15.52 7.22
CA ALA B 408 -4.89 16.60 6.50
C ALA B 408 -5.21 16.50 5.01
N THR B 409 -5.02 17.62 4.30
CA THR B 409 -5.30 17.66 2.88
C THR B 409 -4.07 17.42 2.01
N TRP B 410 -2.88 17.36 2.61
CA TRP B 410 -1.67 16.91 1.94
C TRP B 410 -1.28 15.52 2.45
N ILE B 411 -0.30 14.91 1.77
CA ILE B 411 0.22 13.59 2.16
C ILE B 411 1.73 13.60 1.97
N PRO B 412 2.51 13.33 3.01
CA PRO B 412 3.98 13.29 2.88
C PRO B 412 4.41 11.95 2.26
N GLU B 413 5.72 11.81 2.08
CA GLU B 413 6.34 10.54 1.69
C GLU B 413 6.85 9.78 2.91
N TRP B 414 6.99 8.47 2.77
CA TRP B 414 7.40 7.67 3.93
C TRP B 414 8.06 6.39 3.48
N GLU B 415 8.93 5.89 4.34
CA GLU B 415 9.49 4.56 4.24
C GLU B 415 9.39 3.91 5.62
N PHE B 416 9.73 2.64 5.68
CA PHE B 416 9.46 1.79 6.83
C PHE B 416 10.76 1.29 7.44
N VAL B 417 10.81 1.32 8.78
CA VAL B 417 11.92 0.81 9.58
C VAL B 417 11.54 -0.59 10.05
N ASN B 418 12.34 -1.60 9.69
CA ASN B 418 12.07 -2.96 10.14
C ASN B 418 13.11 -3.49 11.13
N THR B 419 14.11 -2.70 11.47
CA THR B 419 15.10 -3.10 12.48
C THR B 419 15.02 -2.17 13.68
N PRO B 420 14.87 -2.68 14.89
CA PRO B 420 14.70 -1.79 16.06
C PRO B 420 15.94 -0.95 16.31
N PRO B 421 15.79 0.37 16.33
CA PRO B 421 16.95 1.22 16.61
C PRO B 421 17.33 1.16 18.08
N LEU B 422 18.63 1.07 18.34
CA LEU B 422 19.09 1.20 19.72
C LEU B 422 18.97 2.64 20.25
N VAL B 423 18.97 3.66 19.36
CA VAL B 423 18.85 5.07 19.74
CA VAL B 423 18.90 5.03 19.83
C VAL B 423 17.58 5.39 20.51
N LYS B 424 16.54 4.53 20.42
CA LYS B 424 15.31 4.75 21.17
C LYS B 424 15.63 5.11 22.62
N LEU B 425 16.47 4.27 23.25
CA LEU B 425 16.95 4.44 24.62
C LEU B 425 17.43 5.85 24.93
N TRP B 426 18.00 6.56 23.97
CA TRP B 426 18.65 7.83 24.26
CA TRP B 426 18.61 7.81 24.36
C TRP B 426 17.71 9.01 24.14
N TYR B 427 16.67 8.90 23.33
CA TYR B 427 15.64 9.93 23.29
C TYR B 427 14.57 9.76 24.36
N GLN B 428 14.57 8.65 25.12
CA GLN B 428 13.58 8.48 26.20
C GLN B 428 13.97 9.35 27.38
C1 4JH C . -23.64 -28.08 -7.90
C2 4JH C . -25.01 -28.07 -7.69
C3 4JH C . -25.59 -27.17 -6.81
C4 4JH C . -24.81 -26.26 -6.14
C5 4JH C . -23.46 -26.27 -6.34
C6 4JH C . -22.85 -27.18 -7.19
BR 4JH C . -22.38 -24.96 -5.49
C 4JH C . -23.05 -28.92 -9.00
N 4JH C . -21.65 -29.31 -8.88
C1 T27 D . -21.60 -11.35 -12.41
N2 T27 D . -24.77 -10.19 -7.69
C3 T27 D . -22.42 -13.09 -13.84
C4 T27 D . -23.71 -12.60 -13.72
C5 T27 D . -23.96 -11.50 -12.94
C6 T27 D . -22.89 -10.88 -12.27
C7 T27 D . -20.49 -10.65 -11.69
C2 T27 D . -21.35 -12.48 -13.20
C8 T27 D . -25.36 -11.03 -12.83
N1 T27 D . -23.13 -9.72 -11.48
C9 T27 D . -24.34 -8.95 -8.04
C10 T27 D . -23.79 -8.76 -9.30
C11 T27 D . -23.68 -9.86 -10.18
N3 T27 D . -24.14 -11.06 -9.78
C12 T27 D . -24.68 -11.19 -8.56
N4 T27 D . -25.18 -12.45 -8.11
C13 T27 D . -25.74 -16.07 -10.14
C14 T27 D . -26.28 -15.83 -8.88
C15 T27 D . -26.07 -14.63 -8.24
C16 T27 D . -25.34 -13.64 -8.87
C17 T27 D . -24.79 -13.88 -10.13
C18 T27 D . -24.99 -15.09 -10.78
N5 T27 D . -26.23 -18.41 -11.22
C19 T27 D . -26.02 -17.40 -10.76
C20 T27 D . -21.04 -14.69 -15.12
C21 T27 D . -22.27 -14.29 -14.70
N6 T27 D . -20.93 -16.64 -16.90
C22 T27 D . -20.97 -15.78 -16.16
S DMS E . 5.42 -24.71 13.83
O DMS E . 5.42 -23.12 14.68
C1 DMS E . 7.11 -25.30 13.49
C2 DMS E . 4.84 -25.94 15.02
S DMS F . 8.17 -14.27 21.01
O DMS F . 7.12 -12.91 20.48
C1 DMS F . 8.90 -13.84 22.60
C2 DMS F . 7.10 -15.62 21.50
S DMS G . 10.43 -15.84 30.65
O DMS G . 10.41 -17.25 29.51
C1 DMS G . 11.84 -14.75 30.26
C2 DMS G . 9.00 -14.77 30.35
S DMS H . -12.78 -9.38 -37.72
O DMS H . -10.98 -9.55 -37.61
C1 DMS H . -13.56 -10.77 -36.83
C2 DMS H . -13.36 -7.97 -36.76
S DMS I . 32.17 -10.64 10.53
O DMS I . 30.76 -11.02 11.57
C1 DMS I . 32.86 -9.02 10.96
C2 DMS I . 33.60 -11.70 10.92
C1 EDO J . -18.07 5.75 -26.33
O1 EDO J . -19.35 5.21 -26.74
C2 EDO J . -17.38 4.85 -25.31
O2 EDO J . -16.94 5.66 -24.24
MG MG K . 34.68 -7.81 21.19
S SO4 L . 9.77 -25.95 7.10
O1 SO4 L . 9.40 -25.01 8.11
O2 SO4 L . 9.81 -27.27 7.65
O3 SO4 L . 8.82 -25.92 6.04
O4 SO4 L . 11.07 -25.60 6.59
S SO4 M . -3.90 7.94 -45.78
O1 SO4 M . -5.00 8.66 -45.21
O2 SO4 M . -3.80 6.66 -45.16
O3 SO4 M . -4.12 7.80 -47.19
O4 SO4 M . -2.68 8.67 -45.56
S DMS N . -2.38 9.44 -24.81
O DMS N . -2.64 8.24 -23.97
C1 DMS N . -3.74 9.60 -25.91
C2 DMS N . -2.75 10.82 -23.79
S DMS O . 0.16 23.50 20.28
O DMS O . -0.92 22.07 20.14
C1 DMS O . 1.76 22.98 20.97
C2 DMS O . 0.65 23.98 18.61
S DMS P . -1.87 2.94 0.37
O DMS P . -0.48 3.34 1.45
C1 DMS P . -1.98 1.15 0.09
C2 DMS P . -3.43 3.21 1.26
S DMS Q . 17.16 13.48 26.13
O DMS Q . 18.53 13.54 27.30
C1 DMS Q . 17.81 12.79 24.57
C2 DMS Q . 15.92 12.25 26.64
C1 EDO R . -19.28 3.58 -7.42
O1 EDO R . -18.60 2.81 -8.40
C2 EDO R . -20.68 3.03 -7.20
O2 EDO R . -20.62 1.75 -6.58
C1 EDO S . 7.87 0.29 23.68
O1 EDO S . 8.11 1.47 24.40
C2 EDO S . 9.02 0.00 22.80
O2 EDO S . 9.81 -1.09 23.23
S SO4 T . -9.83 0.20 6.08
O1 SO4 T . -11.06 0.35 6.81
O2 SO4 T . -8.76 0.73 6.83
O3 SO4 T . -9.92 0.89 4.83
O4 SO4 T . -9.58 -1.20 5.85
#